data_8GSP
#
_entry.id   8GSP
#
_cell.length_a   1.00
_cell.length_b   1.00
_cell.length_c   1.00
_cell.angle_alpha   90.00
_cell.angle_beta   90.00
_cell.angle_gamma   90.00
#
_symmetry.space_group_name_H-M   'P 1'
#
loop_
_entity.id
_entity.type
_entity.pdbx_description
1 polymer 'A/WH/CHA/09 VP1'
2 polymer 'A/WH/CHA/09 VP2'
3 polymer 'A/WH/CHA/09 VP3'
4 polymer 'A/WH/CHA/09 VP4'
5 polymer 'IG HEAVY CHAIN VARIABLE REGION'
6 polymer 'IG LAMDA CHAIN VARIABLE REGION'
#
loop_
_entity_poly.entity_id
_entity_poly.type
_entity_poly.pdbx_seq_one_letter_code
_entity_poly.pdbx_strand_id
1 'polypeptide(L)'
;TTATGESADPVTTTVENYGGETQVQRRHHTDVSFIMDRFVQIKPVSPTHVIDLMQTHQHGLVGAMLRAATYYFSDLEIVV
NHTGRLTWVPNGAPEAALDNTSNPTAYHKAPFTRLALPYTAPHRVLATVYNGNSKYSAPATRRGDLGSLAARLAAQLPAS
FNYGAIRATEIQELLVRMKRAELYCPRPLLAVKVTSQDRHKQKIIAPAKQLL
;
1
2 'polypeptide(L)'
;DKKTEETTLLEDRILTTRNGHTTSTTQSSVGVTYGYSTGEDHVSGPNTSGLETRVVQAERFFKKHLFDWTTDKPFGHIEK
LELPTDHKGVYGQLVDSFAYMRNGWDVEVSAVGNQFNGGCLLVAMVPEFKEFTTREKYQLTLFPHQFISPRTNMTAHITV
PYLGVNRYDQYNKHKPWTLVVMVVSPLTTSSIGASQIKVYTNIAPTHVHVAGELPSKE
;
2
3 'polypeptide(L)'
;GIVPVACSDGYGGLVTTDPKTADPAYGMVYNPPRTNYPGRFTNLLDVAEACPTFLCFDDGKPYVVTRADEQRLLAKFDLS
LAAKHMSNTYLSGIAQYYAQYSGTINLHFMFTGSTDSKARYMVAYVPPGVTTPPDTPERAAHCIHAEWDTGLNSKFTFSI
PYVSAADYAYTASDVADTTNVQGWVCIYQITHGKAEQDTLVVSVSAGKDFELRLPIDPRAQ
;
3
4 'polypeptide(L)'
;GAGQSSPATGSQNQSGNTGSIINNYYMQQYQNSMDTQLGDNAISGGSNEGSTDTTSSHTTNTQNNDWFSKLASSAFTGLF
GALLA
;
4
5 'polypeptide(L)'
;QVQLRESGPSLVKPSQTLSLTCTVSGFSLSRYQVSWVRQAPGKALECLSSISAGGSTGYNPALKSRLSITKDNSKNEVSL
SVSTVTPEDTATYYCAKYTDNYDSVNACGFYSGNYYFDAWGQGLLVTVSS
;
H
6 'polypeptide(L)'
;WAQAVLTQPSSVSGSLGQRVSITCSGSSSNVGRGNYVNWFQQIPGSAPRTLIYGATSRASGVPDRFSGSRSGNTATLTIS
SLQAEDEADYFCATYDSSSNTAVFGSGTTLTVLGDYKDDDDKGG
;
L
#
# COMPACT_ATOMS: atom_id res chain seq x y z
N THR A 1 14.90 6.65 -48.42
CA THR A 1 16.18 6.24 -47.80
C THR A 1 16.32 4.71 -47.84
N THR A 2 15.22 4.02 -48.13
CA THR A 2 15.22 2.53 -48.24
C THR A 2 15.78 1.89 -46.97
N ALA A 3 15.38 2.38 -45.79
CA ALA A 3 15.83 1.80 -44.50
C ALA A 3 15.13 0.44 -44.30
N THR A 4 15.75 -0.47 -43.52
CA THR A 4 15.13 -1.81 -43.38
C THR A 4 13.74 -1.66 -42.77
N GLY A 5 13.62 -0.91 -41.67
CA GLY A 5 12.31 -0.60 -41.04
C GLY A 5 11.71 -1.72 -40.20
N GLU A 6 12.37 -2.87 -40.10
CA GLU A 6 11.81 -4.00 -39.29
C GLU A 6 12.36 -3.91 -37.87
N SER A 7 13.42 -3.13 -37.68
CA SER A 7 14.05 -2.95 -36.34
C SER A 7 13.46 -1.72 -35.66
N ALA A 8 12.56 -1.02 -36.36
CA ALA A 8 11.89 0.21 -35.86
C ALA A 8 12.91 1.28 -35.47
N ASP A 9 13.99 1.42 -36.25
CA ASP A 9 15.02 2.46 -35.99
C ASP A 9 14.38 3.82 -36.30
N PRO A 10 14.72 4.91 -35.59
CA PRO A 10 14.09 6.20 -35.87
C PRO A 10 14.84 6.83 -37.05
N VAL A 11 14.23 6.76 -38.24
CA VAL A 11 14.84 7.33 -39.48
C VAL A 11 13.91 8.44 -39.99
N THR A 12 14.44 9.64 -40.17
CA THR A 12 13.62 10.77 -40.67
C THR A 12 14.18 11.24 -42.01
N THR A 13 13.35 11.24 -43.06
CA THR A 13 13.78 11.71 -44.40
C THR A 13 13.73 13.24 -44.44
N THR A 14 14.41 13.85 -45.40
CA THR A 14 14.43 15.34 -45.48
C THR A 14 14.17 15.79 -46.91
N VAL A 15 13.88 17.09 -47.09
CA VAL A 15 13.62 17.73 -48.42
C VAL A 15 14.88 17.68 -49.30
N GLU A 16 16.08 17.70 -48.68
CA GLU A 16 17.43 17.67 -49.33
C GLU A 16 17.68 16.38 -50.12
N ASN A 17 16.96 15.30 -49.81
CA ASN A 17 17.10 13.97 -50.49
C ASN A 17 16.84 14.12 -51.99
N TYR A 18 15.89 14.96 -52.42
CA TYR A 18 15.64 15.08 -53.88
C TYR A 18 15.71 16.54 -54.37
N GLY A 19 16.85 17.19 -54.15
CA GLY A 19 17.13 18.55 -54.67
C GLY A 19 16.51 19.68 -53.87
N GLY A 20 15.77 19.38 -52.80
CA GLY A 20 15.14 20.43 -51.98
C GLY A 20 16.10 21.00 -50.94
N GLU A 21 15.68 22.07 -50.25
CA GLU A 21 16.49 22.67 -49.16
C GLU A 21 15.65 22.62 -47.88
N THR A 22 16.20 22.09 -46.78
CA THR A 22 15.41 22.00 -45.52
C THR A 22 15.33 23.37 -44.86
N GLN A 23 14.10 23.83 -44.56
CA GLN A 23 13.85 25.15 -43.93
C GLN A 23 14.17 25.10 -42.43
N VAL A 24 14.44 26.26 -41.82
CA VAL A 24 14.71 26.38 -40.36
C VAL A 24 13.40 26.09 -39.63
N GLN A 25 13.45 25.38 -38.50
CA GLN A 25 12.21 25.05 -37.75
C GLN A 25 12.31 25.56 -36.31
N ARG A 26 11.27 26.26 -35.84
CA ARG A 26 11.22 26.75 -34.43
C ARG A 26 10.10 25.98 -33.73
N ARG A 27 10.43 25.29 -32.63
CA ARG A 27 9.43 24.44 -31.93
C ARG A 27 9.13 24.96 -30.52
N HIS A 28 9.33 26.25 -30.27
CA HIS A 28 9.08 26.81 -28.92
C HIS A 28 7.61 26.63 -28.53
N HIS A 29 6.69 26.85 -29.47
CA HIS A 29 5.24 26.73 -29.23
C HIS A 29 4.84 25.29 -28.87
N THR A 30 5.47 24.30 -29.52
CA THR A 30 5.13 22.87 -29.30
C THR A 30 5.94 22.28 -28.13
N ASP A 31 6.78 23.08 -27.47
CA ASP A 31 7.59 22.57 -26.33
C ASP A 31 6.64 22.06 -25.25
N VAL A 32 6.96 20.90 -24.67
CA VAL A 32 6.10 20.26 -23.63
C VAL A 32 5.98 21.18 -22.40
N SER A 33 7.08 21.79 -21.96
CA SER A 33 7.02 22.68 -20.77
C SER A 33 6.12 23.89 -21.06
N PHE A 34 6.29 24.50 -22.24
CA PHE A 34 5.52 25.70 -22.64
C PHE A 34 4.03 25.41 -22.78
N ILE A 35 3.68 24.28 -23.40
CA ILE A 35 2.24 23.93 -23.65
C ILE A 35 1.49 23.74 -22.33
N MET A 36 2.13 23.14 -21.32
CA MET A 36 1.52 22.85 -20.00
C MET A 36 1.22 24.13 -19.19
N ASP A 37 1.91 25.23 -19.48
CA ASP A 37 1.74 26.50 -18.71
C ASP A 37 0.31 27.03 -18.78
N ARG A 38 -0.38 26.89 -19.91
CA ARG A 38 -1.76 27.43 -20.02
C ARG A 38 -2.69 26.73 -19.02
N PHE A 39 -3.56 27.51 -18.36
CA PHE A 39 -4.53 27.00 -17.36
C PHE A 39 -5.59 26.11 -18.03
N VAL A 40 -5.99 25.03 -17.36
CA VAL A 40 -7.04 24.12 -17.89
C VAL A 40 -8.16 24.03 -16.85
N GLN A 41 -9.41 24.27 -17.26
CA GLN A 41 -10.57 24.20 -16.34
C GLN A 41 -10.78 22.74 -15.91
N ILE A 42 -11.17 22.53 -14.65
CA ILE A 42 -11.44 21.16 -14.12
C ILE A 42 -12.94 21.04 -13.82
N LYS A 43 -13.56 19.95 -14.27
CA LYS A 43 -15.03 19.73 -14.06
C LYS A 43 -15.24 18.30 -13.57
N PRO A 44 -16.30 17.99 -12.79
CA PRO A 44 -17.04 19.01 -12.03
C PRO A 44 -16.34 19.34 -10.69
N VAL A 45 -16.65 20.50 -10.12
CA VAL A 45 -16.05 20.91 -8.81
C VAL A 45 -17.15 20.95 -7.76
N SER A 46 -16.89 20.33 -6.60
CA SER A 46 -17.86 20.25 -5.47
C SER A 46 -17.14 20.62 -4.17
N PRO A 47 -17.84 20.83 -3.04
CA PRO A 47 -17.17 21.17 -1.78
C PRO A 47 -16.21 20.03 -1.37
N THR A 48 -15.05 20.41 -0.82
CA THR A 48 -13.96 19.47 -0.40
C THR A 48 -13.44 18.69 -1.62
N HIS A 49 -13.37 19.34 -2.77
CA HIS A 49 -12.86 18.71 -4.02
C HIS A 49 -11.37 18.39 -3.86
N VAL A 50 -10.93 17.23 -4.35
CA VAL A 50 -9.49 16.88 -4.25
C VAL A 50 -8.82 17.43 -5.51
N ILE A 51 -7.91 18.40 -5.36
CA ILE A 51 -7.23 19.01 -6.54
C ILE A 51 -6.18 18.02 -7.06
N ASP A 52 -6.57 17.17 -8.01
CA ASP A 52 -5.63 16.17 -8.59
C ASP A 52 -5.82 16.12 -10.11
N LEU A 53 -4.80 15.63 -10.82
CA LEU A 53 -4.85 15.51 -12.31
C LEU A 53 -5.86 14.43 -12.71
N MET A 54 -6.06 14.31 -14.03
CA MET A 54 -6.99 13.44 -14.83
C MET A 54 -8.45 13.79 -14.54
N GLN A 55 -8.68 14.94 -13.90
CA GLN A 55 -10.04 15.53 -13.71
C GLN A 55 -10.34 16.29 -15.01
N THR A 56 -9.31 16.93 -15.56
CA THR A 56 -9.42 17.74 -16.81
C THR A 56 -9.91 16.85 -17.95
N HIS A 57 -10.78 17.39 -18.81
CA HIS A 57 -11.36 16.62 -19.93
C HIS A 57 -10.23 16.15 -20.85
N GLN A 58 -10.30 14.89 -21.31
CA GLN A 58 -9.27 14.30 -22.20
C GLN A 58 -9.13 15.18 -23.45
N HIS A 59 -10.26 15.55 -24.06
CA HIS A 59 -10.28 16.36 -25.30
C HIS A 59 -9.54 17.69 -25.11
N GLY A 60 -9.57 18.26 -23.90
CA GLY A 60 -8.91 19.56 -23.62
C GLY A 60 -7.43 19.50 -23.94
N LEU A 61 -6.87 20.59 -24.48
CA LEU A 61 -5.45 20.61 -24.92
C LEU A 61 -4.51 20.31 -23.74
N VAL A 62 -4.71 20.91 -22.58
CA VAL A 62 -3.82 20.59 -21.43
C VAL A 62 -4.03 19.12 -21.04
N GLY A 63 -5.30 18.69 -20.99
CA GLY A 63 -5.65 17.31 -20.62
C GLY A 63 -5.12 16.28 -21.61
N ALA A 64 -5.27 16.53 -22.90
CA ALA A 64 -4.80 15.58 -23.94
C ALA A 64 -3.26 15.46 -23.84
N MET A 65 -2.59 16.60 -23.71
CA MET A 65 -1.11 16.62 -23.61
C MET A 65 -0.69 15.88 -22.33
N LEU A 66 -1.40 16.12 -21.23
CA LEU A 66 -1.11 15.46 -19.93
C LEU A 66 -1.33 13.95 -20.07
N ARG A 67 -2.41 13.56 -20.74
CA ARG A 67 -2.78 12.14 -20.98
C ARG A 67 -1.78 11.47 -21.93
N ALA A 68 -1.16 12.25 -22.82
CA ALA A 68 -0.16 11.76 -23.78
C ALA A 68 1.05 11.16 -23.07
N ALA A 69 1.47 11.70 -21.92
CA ALA A 69 2.64 11.15 -21.22
C ALA A 69 2.20 10.31 -20.00
N THR A 70 2.69 9.08 -19.89
CA THR A 70 2.31 8.21 -18.75
C THR A 70 2.77 8.82 -17.43
N TYR A 71 3.99 9.35 -17.36
CA TYR A 71 4.50 9.93 -16.09
C TYR A 71 4.70 11.44 -16.24
N TYR A 72 4.06 12.23 -15.37
CA TYR A 72 4.15 13.70 -15.42
C TYR A 72 4.46 14.27 -14.03
N PHE A 73 5.45 15.17 -13.94
CA PHE A 73 5.78 15.85 -12.67
C PHE A 73 5.71 17.37 -12.91
N SER A 74 4.93 18.09 -12.10
CA SER A 74 4.78 19.56 -12.30
C SER A 74 4.33 20.22 -11.01
N ASP A 75 4.42 21.56 -10.93
CA ASP A 75 3.94 22.30 -9.74
C ASP A 75 2.66 23.03 -10.13
N LEU A 76 1.54 22.74 -9.45
CA LEU A 76 0.24 23.35 -9.79
C LEU A 76 0.16 24.82 -9.33
N GLU A 77 -0.70 25.59 -9.99
CA GLU A 77 -1.01 27.00 -9.65
C GLU A 77 -2.54 27.09 -9.68
N ILE A 78 -3.19 26.46 -8.70
CA ILE A 78 -4.68 26.34 -8.63
C ILE A 78 -5.35 27.71 -8.50
N VAL A 79 -6.42 27.92 -9.28
CA VAL A 79 -7.25 29.16 -9.21
C VAL A 79 -8.65 28.68 -8.82
N VAL A 80 -9.19 29.16 -7.70
CA VAL A 80 -10.52 28.68 -7.24
C VAL A 80 -11.46 29.87 -7.04
N ASN A 81 -12.66 29.82 -7.65
CA ASN A 81 -13.68 30.88 -7.43
C ASN A 81 -14.58 30.46 -6.26
N HIS A 82 -14.00 30.33 -5.07
CA HIS A 82 -14.72 29.89 -3.84
C HIS A 82 -15.65 30.99 -3.33
N THR A 83 -16.80 30.61 -2.77
CA THR A 83 -17.77 31.58 -2.18
C THR A 83 -17.54 31.68 -0.66
N GLY A 84 -16.58 30.89 -0.16
CA GLY A 84 -16.23 30.83 1.28
C GLY A 84 -14.74 30.63 1.46
N ARG A 85 -14.22 30.74 2.68
CA ARG A 85 -12.75 30.55 2.88
C ARG A 85 -12.38 29.16 2.37
N LEU A 86 -11.29 29.08 1.59
CA LEU A 86 -10.85 27.78 0.99
C LEU A 86 -9.55 27.34 1.65
N THR A 87 -9.48 26.08 2.08
CA THR A 87 -8.27 25.54 2.75
C THR A 87 -7.65 24.44 1.88
N TRP A 88 -6.35 24.54 1.61
CA TRP A 88 -5.64 23.51 0.80
C TRP A 88 -4.65 22.77 1.71
N VAL A 89 -4.69 21.44 1.69
CA VAL A 89 -3.78 20.62 2.56
C VAL A 89 -3.02 19.63 1.70
N PRO A 90 -1.88 19.08 2.18
CA PRO A 90 -1.10 18.09 1.43
C PRO A 90 -1.88 16.77 1.30
N ASN A 91 -1.53 15.97 0.29
CA ASN A 91 -2.25 14.70 0.01
C ASN A 91 -2.19 13.76 1.22
N GLY A 92 -1.04 13.70 1.91
CA GLY A 92 -0.92 12.82 3.09
C GLY A 92 -1.91 13.20 4.17
N ALA A 93 -2.14 14.50 4.37
CA ALA A 93 -3.06 15.00 5.42
C ALA A 93 -4.48 14.47 5.18
N PRO A 94 -5.22 14.08 6.24
CA PRO A 94 -6.59 13.55 6.14
C PRO A 94 -7.63 14.62 5.83
N GLU A 95 -8.84 14.19 5.46
CA GLU A 95 -9.98 15.09 5.10
C GLU A 95 -10.39 15.96 6.30
N ALA A 96 -10.27 15.45 7.52
CA ALA A 96 -10.61 16.18 8.76
C ALA A 96 -9.73 17.43 8.94
N ALA A 97 -8.47 17.36 8.48
CA ALA A 97 -7.47 18.45 8.60
C ALA A 97 -7.87 19.73 7.85
N LEU A 98 -8.72 19.62 6.81
CA LEU A 98 -9.14 20.81 6.02
C LEU A 98 -9.86 21.81 6.93
N ASP A 99 -10.71 21.33 7.82
CA ASP A 99 -11.50 22.18 8.76
C ASP A 99 -10.62 22.91 9.80
N ASN A 100 -9.43 22.39 10.10
CA ASN A 100 -8.60 22.97 11.19
C ASN A 100 -8.21 24.43 10.92
N THR A 101 -7.83 24.76 9.68
CA THR A 101 -7.44 26.13 9.20
C THR A 101 -5.99 26.50 9.56
N SER A 102 -5.28 25.61 10.27
CA SER A 102 -3.83 25.82 10.62
C SER A 102 -2.99 25.75 9.33
N ASN A 103 -3.42 24.89 8.41
CA ASN A 103 -2.81 24.63 7.07
C ASN A 103 -3.12 25.79 6.12
N PRO A 104 -2.45 25.90 4.95
CA PRO A 104 -2.67 27.05 4.06
C PRO A 104 -4.14 27.23 3.68
N THR A 105 -4.63 28.46 3.83
CA THR A 105 -6.04 28.82 3.53
C THR A 105 -6.05 30.19 2.86
N ALA A 106 -6.99 30.41 1.93
CA ALA A 106 -7.09 31.72 1.26
C ALA A 106 -8.43 32.36 1.65
N TYR A 107 -8.40 33.57 2.19
CA TYR A 107 -9.66 34.27 2.57
C TYR A 107 -10.38 34.75 1.32
N HIS A 108 -11.70 34.92 1.40
CA HIS A 108 -12.49 35.31 0.21
C HIS A 108 -12.03 36.68 -0.31
N LYS A 109 -11.98 36.82 -1.63
CA LYS A 109 -11.55 38.07 -2.32
C LYS A 109 -12.63 38.42 -3.35
N ALA A 110 -12.71 39.68 -3.79
CA ALA A 110 -13.77 40.05 -4.75
C ALA A 110 -13.62 39.20 -6.01
N PRO A 111 -12.40 39.04 -6.55
CA PRO A 111 -12.16 38.20 -7.72
C PRO A 111 -11.73 36.80 -7.26
N PHE A 112 -11.71 35.82 -8.17
CA PHE A 112 -11.26 34.44 -7.85
C PHE A 112 -9.82 34.52 -7.37
N THR A 113 -9.46 33.76 -6.33
CA THR A 113 -8.09 33.80 -5.77
C THR A 113 -7.20 32.74 -6.42
N ARG A 114 -6.00 33.13 -6.85
CA ARG A 114 -5.01 32.21 -7.48
C ARG A 114 -3.91 31.93 -6.45
N LEU A 115 -3.70 30.66 -6.10
CA LEU A 115 -2.68 30.27 -5.10
C LEU A 115 -1.74 29.21 -5.71
N ALA A 116 -0.43 29.41 -5.59
CA ALA A 116 0.53 28.42 -6.14
C ALA A 116 0.87 27.40 -5.05
N LEU A 117 0.61 26.12 -5.32
CA LEU A 117 0.86 25.05 -4.32
C LEU A 117 1.90 24.06 -4.86
N PRO A 118 2.94 23.70 -4.09
CA PRO A 118 3.99 22.78 -4.54
C PRO A 118 3.47 21.34 -4.66
N TYR A 119 4.16 20.52 -5.47
CA TYR A 119 3.76 19.10 -5.67
C TYR A 119 4.28 18.30 -4.47
N THR A 120 3.35 17.75 -3.69
CA THR A 120 3.69 17.01 -2.45
C THR A 120 3.50 15.50 -2.61
N ALA A 121 3.28 15.01 -3.83
CA ALA A 121 3.06 13.55 -3.99
C ALA A 121 4.29 12.79 -3.49
N PRO A 122 4.13 11.72 -2.67
CA PRO A 122 5.24 10.92 -2.16
C PRO A 122 5.98 10.22 -3.31
N HIS A 123 5.23 9.77 -4.32
CA HIS A 123 5.80 9.05 -5.48
C HIS A 123 6.79 9.94 -6.23
N ARG A 124 7.84 9.34 -6.77
CA ARG A 124 8.91 10.10 -7.49
C ARG A 124 8.26 10.86 -8.65
N VAL A 125 7.39 10.19 -9.41
CA VAL A 125 6.66 10.85 -10.53
C VAL A 125 5.23 10.27 -10.57
N LEU A 126 4.23 11.12 -10.76
CA LEU A 126 2.81 10.66 -10.83
C LEU A 126 2.58 9.91 -12.15
N ALA A 127 1.65 8.96 -12.17
CA ALA A 127 1.38 8.19 -13.39
C ALA A 127 -0.06 8.43 -13.87
N THR A 128 -0.22 8.80 -15.15
CA THR A 128 -1.57 9.04 -15.73
C THR A 128 -2.35 7.71 -15.74
N VAL A 129 -1.65 6.60 -16.06
CA VAL A 129 -2.29 5.25 -16.08
C VAL A 129 -1.43 4.32 -15.22
N TYR A 130 -2.05 3.62 -14.27
CA TYR A 130 -1.32 2.69 -13.37
C TYR A 130 -1.86 1.28 -13.59
N ASN A 131 -0.98 0.30 -13.80
CA ASN A 131 -1.43 -1.10 -14.05
C ASN A 131 -1.52 -1.84 -12.72
N GLY A 132 -2.74 -2.13 -12.27
CA GLY A 132 -2.98 -2.84 -10.99
C GLY A 132 -3.24 -1.85 -9.88
N ASN A 133 -4.36 -1.98 -9.17
CA ASN A 133 -4.68 -1.06 -8.05
C ASN A 133 -3.78 -1.39 -6.85
N SER A 134 -3.50 -0.40 -6.00
CA SER A 134 -2.66 -0.66 -4.80
C SER A 134 -3.54 -0.63 -3.54
N LYS A 135 -3.66 -1.78 -2.87
CA LYS A 135 -4.46 -1.91 -1.63
C LYS A 135 -3.78 -2.92 -0.71
N TYR A 136 -4.02 -2.82 0.61
CA TYR A 136 -3.47 -3.66 1.70
C TYR A 136 -2.07 -4.21 1.36
N ALA A 155 -7.64 -1.80 -11.48
CA ALA A 155 -6.69 -1.14 -12.39
C ALA A 155 -6.79 0.38 -12.23
N GLN A 156 -7.66 0.85 -11.34
CA GLN A 156 -7.85 2.30 -11.09
C GLN A 156 -6.57 2.90 -10.50
N LEU A 157 -6.26 4.14 -10.87
CA LEU A 157 -5.03 4.83 -10.38
C LEU A 157 -5.15 4.97 -8.85
N PRO A 158 -4.03 4.84 -8.09
CA PRO A 158 -4.07 4.90 -6.63
C PRO A 158 -4.47 6.27 -6.07
N ALA A 159 -5.02 6.26 -4.85
CA ALA A 159 -5.49 7.47 -4.14
C ALA A 159 -4.34 8.44 -3.82
N SER A 160 -3.12 7.92 -3.63
CA SER A 160 -1.91 8.71 -3.27
C SER A 160 -1.48 9.70 -4.37
N PHE A 161 -1.86 9.45 -5.63
CA PHE A 161 -1.48 10.30 -6.80
C PHE A 161 -2.03 11.73 -6.72
N ASN A 162 -3.14 11.95 -6.01
CA ASN A 162 -3.76 13.30 -5.95
C ASN A 162 -2.77 14.34 -5.42
N TYR A 163 -2.72 15.50 -6.06
CA TYR A 163 -1.81 16.61 -5.66
C TYR A 163 -2.17 17.19 -4.30
N GLY A 164 -3.47 17.43 -4.06
CA GLY A 164 -3.91 18.02 -2.77
C GLY A 164 -5.41 17.99 -2.62
N ALA A 165 -5.91 18.41 -1.45
CA ALA A 165 -7.37 18.49 -1.21
C ALA A 165 -7.72 19.93 -0.83
N ILE A 166 -8.71 20.53 -1.50
CA ILE A 166 -9.11 21.93 -1.19
C ILE A 166 -10.54 21.94 -0.67
N ARG A 167 -10.79 22.53 0.51
CA ARG A 167 -12.16 22.56 1.08
C ARG A 167 -12.65 24.01 1.16
N ALA A 168 -13.85 24.25 0.62
CA ALA A 168 -14.50 25.58 0.63
C ALA A 168 -16.00 25.38 0.86
N THR A 169 -16.73 26.44 1.23
CA THR A 169 -18.20 26.26 1.44
C THR A 169 -18.82 25.79 0.13
N GLU A 170 -18.45 26.44 -0.99
CA GLU A 170 -18.90 26.03 -2.34
C GLU A 170 -17.88 26.53 -3.35
N ILE A 171 -17.61 25.78 -4.42
CA ILE A 171 -16.63 26.24 -5.44
C ILE A 171 -17.37 26.42 -6.77
N GLN A 172 -17.44 27.65 -7.28
CA GLN A 172 -18.13 27.93 -8.57
C GLN A 172 -17.37 27.26 -9.72
N GLU A 173 -16.03 27.38 -9.72
CA GLU A 173 -15.20 26.80 -10.80
C GLU A 173 -13.78 26.55 -10.27
N LEU A 174 -13.05 25.63 -10.91
CA LEU A 174 -11.65 25.34 -10.50
C LEU A 174 -10.74 25.39 -11.73
N LEU A 175 -9.62 26.11 -11.65
CA LEU A 175 -8.66 26.18 -12.78
C LEU A 175 -7.32 25.62 -12.31
N VAL A 176 -6.75 24.68 -13.07
CA VAL A 176 -5.44 24.06 -12.67
C VAL A 176 -4.40 24.35 -13.76
N ARG A 177 -3.25 24.88 -13.36
CA ARG A 177 -2.15 25.22 -14.30
C ARG A 177 -0.89 24.45 -13.88
N MET A 178 -0.22 23.78 -14.82
CA MET A 178 1.00 23.02 -14.48
C MET A 178 2.23 23.88 -14.79
N LYS A 179 3.10 24.08 -13.79
CA LYS A 179 4.34 24.90 -13.94
C LYS A 179 5.54 23.96 -13.86
N ARG A 180 6.49 24.13 -14.80
CA ARG A 180 7.74 23.32 -14.92
C ARG A 180 7.41 21.82 -15.06
N ALA A 181 6.36 21.52 -15.84
CA ALA A 181 5.91 20.13 -16.05
C ALA A 181 6.91 19.36 -16.92
N GLU A 182 7.22 18.12 -16.54
CA GLU A 182 8.12 17.24 -17.32
C GLU A 182 7.35 15.97 -17.68
N LEU A 183 7.39 15.57 -18.95
CA LEU A 183 6.61 14.39 -19.43
C LEU A 183 7.56 13.28 -19.91
N TYR A 184 7.29 12.03 -19.52
CA TYR A 184 8.12 10.86 -19.91
C TYR A 184 7.23 9.76 -20.47
N CYS A 185 7.83 8.82 -21.22
CA CYS A 185 7.10 7.64 -21.78
C CYS A 185 5.87 8.06 -22.59
N PRO A 186 6.00 8.70 -23.76
CA PRO A 186 4.85 9.15 -24.55
C PRO A 186 3.90 8.01 -24.96
N ARG A 187 2.61 8.33 -25.02
CA ARG A 187 1.46 7.43 -25.35
C ARG A 187 0.67 8.05 -26.51
N PRO A 188 -0.24 7.32 -27.18
CA PRO A 188 -0.98 7.86 -28.33
C PRO A 188 -1.85 9.09 -28.05
N LEU A 189 -1.77 10.10 -28.92
CA LEU A 189 -2.55 11.37 -28.82
C LEU A 189 -4.05 11.10 -29.02
N LEU A 190 -4.39 10.19 -29.94
CA LEU A 190 -5.81 9.84 -30.24
C LEU A 190 -6.62 11.09 -30.61
N ALA A 191 -6.25 11.75 -31.72
CA ALA A 191 -6.95 12.96 -32.22
C ALA A 191 -8.36 12.63 -32.71
N VAL A 192 -9.24 13.64 -32.77
CA VAL A 192 -10.67 13.42 -33.13
C VAL A 192 -10.79 12.66 -34.45
N LYS A 193 -11.60 11.60 -34.44
CA LYS A 193 -11.87 10.70 -35.60
C LYS A 193 -12.77 11.39 -36.63
N VAL A 194 -12.48 11.18 -37.92
CA VAL A 194 -13.31 11.73 -39.04
C VAL A 194 -13.98 10.54 -39.73
N THR A 195 -15.30 10.59 -39.91
CA THR A 195 -16.03 9.45 -40.52
C THR A 195 -16.70 9.88 -41.84
N SER A 196 -16.49 9.09 -42.89
CA SER A 196 -17.07 9.31 -44.24
C SER A 196 -16.72 10.70 -44.79
N GLN A 197 -15.49 11.16 -44.55
CA GLN A 197 -15.05 12.49 -45.06
C GLN A 197 -13.57 12.42 -45.44
N ASP A 198 -13.12 13.29 -46.35
CA ASP A 198 -11.68 13.31 -46.76
C ASP A 198 -10.91 14.21 -45.81
N ARG A 199 -11.63 14.98 -44.99
CA ARG A 199 -11.03 15.94 -44.01
C ARG A 199 -12.03 16.17 -42.86
N HIS A 200 -11.57 16.72 -41.74
CA HIS A 200 -12.50 17.01 -40.60
C HIS A 200 -13.53 18.05 -41.04
N LYS A 201 -13.10 19.05 -41.83
CA LYS A 201 -13.98 20.13 -42.37
C LYS A 201 -14.69 20.87 -41.24
N GLN A 202 -13.99 21.17 -40.14
CA GLN A 202 -14.57 21.97 -39.03
C GLN A 202 -14.62 23.44 -39.46
N LYS A 203 -15.51 24.24 -38.87
CA LYS A 203 -15.61 25.66 -39.31
C LYS A 203 -14.50 26.46 -38.64
N ILE A 204 -13.55 26.96 -39.45
CA ILE A 204 -12.40 27.77 -38.97
C ILE A 204 -12.89 29.20 -38.74
N ILE A 205 -12.19 29.98 -37.89
CA ILE A 205 -12.63 31.37 -37.62
C ILE A 205 -12.53 32.15 -38.95
N ALA A 206 -13.59 32.88 -39.31
CA ALA A 206 -13.62 33.64 -40.57
C ALA A 206 -14.11 35.07 -40.31
N PRO A 207 -13.46 36.12 -40.85
CA PRO A 207 -13.89 37.49 -40.65
C PRO A 207 -15.23 37.72 -41.37
N ALA A 208 -16.12 38.53 -40.77
CA ALA A 208 -17.44 38.81 -41.38
C ALA A 208 -17.24 39.50 -42.73
N LYS A 209 -18.02 39.09 -43.74
CA LYS A 209 -17.91 39.69 -45.09
C LYS A 209 -18.63 41.04 -45.12
N ARG B 13 22.86 -11.21 -40.45
CA ARG B 13 23.55 -10.65 -39.26
C ARG B 13 23.08 -11.39 -38.00
N ILE B 14 23.87 -12.39 -37.56
CA ILE B 14 23.51 -13.18 -36.35
C ILE B 14 23.76 -12.33 -35.10
N LEU B 15 22.81 -12.31 -34.17
CA LEU B 15 22.97 -11.54 -32.90
C LEU B 15 22.84 -12.53 -31.74
N THR B 16 23.82 -12.54 -30.83
CA THR B 16 23.76 -13.48 -29.68
C THR B 16 23.66 -12.68 -28.37
N THR B 17 22.62 -12.96 -27.57
CA THR B 17 22.43 -12.25 -26.28
C THR B 17 22.52 -13.28 -25.15
N ARG B 18 23.38 -13.04 -24.16
CA ARG B 18 23.54 -13.99 -23.03
C ARG B 18 23.19 -13.29 -21.72
N ASN B 19 22.24 -13.86 -20.96
CA ASN B 19 21.84 -13.33 -19.64
C ASN B 19 22.12 -14.43 -18.61
N GLY B 20 22.89 -14.13 -17.56
CA GLY B 20 23.21 -15.18 -16.59
C GLY B 20 23.91 -16.33 -17.29
N HIS B 21 23.44 -17.56 -17.10
CA HIS B 21 24.07 -18.76 -17.73
C HIS B 21 23.28 -19.22 -18.96
N THR B 22 22.25 -18.49 -19.38
CA THR B 22 21.44 -18.91 -20.56
C THR B 22 21.69 -17.95 -21.73
N THR B 23 22.06 -18.48 -22.90
CA THR B 23 22.33 -17.62 -24.08
C THR B 23 21.36 -17.96 -25.22
N SER B 24 20.72 -16.93 -25.79
CA SER B 24 19.81 -17.13 -26.94
C SER B 24 20.42 -16.44 -28.17
N THR B 25 20.64 -17.19 -29.26
CA THR B 25 21.25 -16.60 -30.48
C THR B 25 20.27 -16.69 -31.64
N THR B 26 19.96 -15.56 -32.27
CA THR B 26 19.05 -15.55 -33.44
C THR B 26 19.81 -15.04 -34.66
N GLN B 27 19.92 -15.88 -35.69
CA GLN B 27 20.66 -15.55 -36.94
C GLN B 27 19.95 -14.42 -37.72
N SER B 28 18.61 -14.42 -37.69
CA SER B 28 17.81 -13.44 -38.47
C SER B 28 17.49 -12.17 -37.66
N SER B 29 18.00 -12.03 -36.43
CA SER B 29 17.67 -10.84 -35.62
C SER B 29 18.09 -9.57 -36.38
N VAL B 30 17.19 -8.58 -36.45
CA VAL B 30 17.46 -7.30 -37.17
C VAL B 30 18.22 -6.33 -36.27
N GLY B 31 18.25 -6.60 -34.96
CA GLY B 31 18.95 -5.70 -34.01
C GLY B 31 18.27 -5.66 -32.65
N VAL B 32 18.81 -4.87 -31.72
CA VAL B 32 18.25 -4.75 -30.35
C VAL B 32 17.76 -3.31 -30.16
N THR B 33 16.53 -3.14 -29.67
CA THR B 33 15.93 -1.79 -29.46
C THR B 33 15.78 -1.52 -27.96
N TYR B 34 16.28 -0.38 -27.49
CA TYR B 34 16.20 0.01 -26.07
C TYR B 34 15.07 1.03 -25.92
N GLY B 35 14.16 0.81 -24.96
CA GLY B 35 13.02 1.74 -24.80
C GLY B 35 13.14 2.65 -23.59
N TYR B 36 13.26 3.96 -23.88
CA TYR B 36 13.27 5.13 -22.96
C TYR B 36 14.65 5.40 -22.33
N SER B 37 15.57 4.43 -22.37
CA SER B 37 16.90 4.64 -21.73
C SER B 37 17.87 3.54 -22.17
N THR B 38 19.11 3.91 -22.50
CA THR B 38 20.15 2.90 -22.85
C THR B 38 20.44 2.06 -21.61
N GLY B 39 20.50 2.71 -20.45
CA GLY B 39 20.80 2.07 -19.16
C GLY B 39 19.80 2.46 -18.08
N GLU B 40 19.73 1.66 -17.01
CA GLU B 40 18.77 1.90 -15.89
C GLU B 40 19.20 3.10 -15.03
N ASP B 41 18.26 3.66 -14.27
CA ASP B 41 18.49 4.82 -13.35
C ASP B 41 19.17 4.35 -12.06
N HIS B 42 19.66 5.29 -11.24
CA HIS B 42 20.41 4.92 -10.01
C HIS B 42 19.56 3.99 -9.15
N VAL B 43 20.12 2.84 -8.78
CA VAL B 43 19.45 1.76 -7.99
C VAL B 43 19.18 2.19 -6.54
N SER B 44 20.13 2.86 -5.89
CA SER B 44 19.92 3.21 -4.45
C SER B 44 19.23 4.56 -4.29
N GLY B 45 17.92 4.52 -4.04
CA GLY B 45 17.10 5.72 -3.82
C GLY B 45 17.06 6.09 -2.36
N PRO B 46 16.39 7.19 -1.96
CA PRO B 46 16.29 7.56 -0.55
C PRO B 46 15.55 6.45 0.22
N ASN B 47 14.51 5.88 -0.38
CA ASN B 47 13.73 4.77 0.22
C ASN B 47 14.58 3.50 0.27
N THR B 48 14.37 2.70 1.32
CA THR B 48 14.99 1.38 1.67
C THR B 48 16.31 1.57 2.45
N SER B 49 16.82 2.81 2.51
CA SER B 49 18.06 3.15 3.27
C SER B 49 19.25 2.26 2.89
N GLY B 50 19.41 1.92 1.61
CA GLY B 50 20.55 1.11 1.14
C GLY B 50 20.42 -0.38 1.43
N LEU B 51 19.26 -0.84 1.93
CA LEU B 51 19.05 -2.28 2.24
C LEU B 51 19.03 -3.14 0.97
N GLU B 52 18.61 -2.56 -0.16
CA GLU B 52 18.47 -3.31 -1.43
C GLU B 52 19.81 -3.97 -1.80
N THR B 53 19.75 -5.25 -2.19
CA THR B 53 20.95 -6.04 -2.59
C THR B 53 20.70 -6.65 -3.98
N ARG B 54 21.65 -6.49 -4.90
CA ARG B 54 21.52 -7.02 -6.29
C ARG B 54 21.61 -8.56 -6.27
N VAL B 55 20.74 -9.23 -7.03
CA VAL B 55 20.79 -10.71 -7.15
C VAL B 55 21.03 -11.05 -8.62
N VAL B 56 22.12 -11.75 -8.93
CA VAL B 56 22.43 -12.10 -10.35
C VAL B 56 21.84 -13.47 -10.70
N GLN B 57 21.36 -14.20 -9.70
CA GLN B 57 20.77 -15.55 -9.91
C GLN B 57 19.50 -15.43 -10.77
N ALA B 58 18.70 -14.39 -10.51
CA ALA B 58 17.41 -14.15 -11.20
C ALA B 58 17.56 -13.70 -12.65
N GLU B 59 18.75 -13.27 -13.07
CA GLU B 59 18.93 -12.77 -14.46
C GLU B 59 19.09 -13.93 -15.44
N ARG B 60 18.00 -14.65 -15.72
CA ARG B 60 18.02 -15.78 -16.68
C ARG B 60 16.84 -15.63 -17.64
N PHE B 61 16.96 -16.17 -18.86
CA PHE B 61 15.86 -16.10 -19.85
C PHE B 61 14.80 -17.13 -19.48
N PHE B 62 13.53 -16.72 -19.45
CA PHE B 62 12.44 -17.69 -19.17
C PHE B 62 11.50 -17.74 -20.37
N LYS B 63 11.30 -18.93 -20.95
CA LYS B 63 10.41 -19.06 -22.14
C LYS B 63 8.95 -18.90 -21.73
N LYS B 64 8.14 -18.31 -22.62
CA LYS B 64 6.68 -18.12 -22.39
C LYS B 64 5.97 -18.30 -23.73
N HIS B 65 4.74 -18.79 -23.72
CA HIS B 65 4.03 -18.99 -25.01
C HIS B 65 2.95 -17.91 -25.20
N LEU B 66 3.08 -17.12 -26.26
CA LEU B 66 2.10 -16.05 -26.59
C LEU B 66 1.04 -16.61 -27.53
N PHE B 67 0.09 -15.78 -27.97
CA PHE B 67 -0.98 -16.22 -28.88
C PHE B 67 -0.35 -16.74 -30.18
N ASP B 68 -0.88 -17.84 -30.73
CA ASP B 68 -0.32 -18.36 -32.00
C ASP B 68 -0.88 -17.50 -33.12
N TRP B 69 0.01 -16.89 -33.92
CA TRP B 69 -0.42 -16.01 -35.04
C TRP B 69 -1.03 -16.87 -36.15
N THR B 70 -2.20 -16.47 -36.65
CA THR B 70 -2.89 -17.21 -37.73
C THR B 70 -3.42 -16.21 -38.75
N THR B 71 -3.74 -16.67 -39.96
CA THR B 71 -4.27 -15.81 -41.05
C THR B 71 -5.62 -15.20 -40.65
N ASP B 72 -6.44 -15.94 -39.91
CA ASP B 72 -7.79 -15.50 -39.48
C ASP B 72 -7.68 -14.21 -38.64
N LYS B 73 -6.68 -14.12 -37.76
CA LYS B 73 -6.57 -12.92 -36.88
C LYS B 73 -6.42 -11.66 -37.74
N PRO B 74 -7.22 -10.60 -37.47
CA PRO B 74 -7.19 -9.34 -38.23
C PRO B 74 -6.30 -8.28 -37.56
N PHE B 75 -6.10 -7.15 -38.23
CA PHE B 75 -5.28 -6.03 -37.68
C PHE B 75 -5.94 -5.53 -36.40
N GLY B 76 -5.13 -5.20 -35.38
CA GLY B 76 -5.67 -4.69 -34.10
C GLY B 76 -5.93 -5.79 -33.10
N HIS B 77 -5.60 -7.04 -33.45
CA HIS B 77 -5.78 -8.17 -32.50
C HIS B 77 -4.55 -8.25 -31.59
N ILE B 78 -4.45 -7.31 -30.65
CA ILE B 78 -3.28 -7.20 -29.71
C ILE B 78 -3.41 -8.21 -28.57
N GLU B 79 -2.31 -8.92 -28.28
CA GLU B 79 -2.25 -9.87 -27.14
C GLU B 79 -1.24 -9.32 -26.15
N LYS B 80 -1.64 -9.15 -24.88
CA LYS B 80 -0.74 -8.51 -23.89
C LYS B 80 -0.37 -9.49 -22.76
N LEU B 81 0.93 -9.61 -22.49
CA LEU B 81 1.42 -10.46 -21.36
C LEU B 81 2.01 -9.51 -20.32
N GLU B 82 1.46 -9.50 -19.11
CA GLU B 82 1.95 -8.60 -18.04
C GLU B 82 3.24 -9.16 -17.43
N LEU B 83 4.24 -8.31 -17.22
CA LEU B 83 5.54 -8.75 -16.63
C LEU B 83 5.71 -8.05 -15.28
N PRO B 84 6.03 -8.77 -14.17
CA PRO B 84 6.47 -10.17 -14.26
C PRO B 84 5.31 -11.17 -14.26
N THR B 85 5.39 -12.16 -15.14
CA THR B 85 4.40 -13.27 -15.25
C THR B 85 4.72 -14.33 -14.20
N ASP B 86 3.81 -15.28 -13.95
CA ASP B 86 4.08 -16.32 -12.93
C ASP B 86 5.38 -17.04 -13.33
N HIS B 87 6.31 -17.15 -12.39
CA HIS B 87 7.64 -17.75 -12.67
C HIS B 87 7.90 -18.93 -11.72
N LYS B 88 8.25 -20.09 -12.27
CA LYS B 88 8.56 -21.29 -11.45
C LYS B 88 10.07 -21.34 -11.18
N GLY B 89 10.82 -20.37 -11.74
CA GLY B 89 12.28 -20.27 -11.62
C GLY B 89 12.73 -19.55 -10.36
N VAL B 90 14.02 -19.27 -10.25
CA VAL B 90 14.62 -18.59 -9.07
C VAL B 90 13.97 -17.20 -8.93
N TYR B 91 13.78 -16.50 -10.04
CA TYR B 91 13.17 -15.14 -10.01
C TYR B 91 11.77 -15.22 -9.41
N GLY B 92 10.99 -16.25 -9.78
CA GLY B 92 9.62 -16.37 -9.25
C GLY B 92 9.66 -16.52 -7.73
N GLN B 93 10.59 -17.33 -7.22
CA GLN B 93 10.76 -17.50 -5.76
C GLN B 93 11.20 -16.17 -5.15
N LEU B 94 12.09 -15.46 -5.86
CA LEU B 94 12.66 -14.18 -5.38
C LEU B 94 11.57 -13.12 -5.22
N VAL B 95 10.67 -12.98 -6.20
CA VAL B 95 9.59 -11.96 -6.08
C VAL B 95 8.66 -12.32 -4.90
N ASP B 96 8.40 -13.61 -4.72
CA ASP B 96 7.54 -14.09 -3.61
C ASP B 96 8.20 -13.80 -2.26
N SER B 97 9.52 -14.01 -2.16
CA SER B 97 10.25 -13.83 -0.87
C SER B 97 10.70 -12.39 -0.61
N PHE B 98 10.63 -11.49 -1.59
CA PHE B 98 11.09 -10.09 -1.36
C PHE B 98 9.92 -9.10 -1.55
N ALA B 99 9.73 -8.22 -0.58
CA ALA B 99 8.60 -7.25 -0.62
C ALA B 99 8.71 -6.31 -1.82
N TYR B 100 9.89 -5.76 -2.09
CA TYR B 100 10.04 -4.79 -3.21
C TYR B 100 11.21 -5.18 -4.13
N MET B 101 10.98 -5.18 -5.45
CA MET B 101 12.07 -5.50 -6.41
C MET B 101 11.93 -4.70 -7.71
N ARG B 102 13.05 -4.42 -8.38
CA ARG B 102 13.06 -3.66 -9.67
C ARG B 102 13.98 -4.37 -10.67
N ASN B 103 13.54 -4.55 -11.92
CA ASN B 103 14.40 -5.22 -12.93
C ASN B 103 14.04 -4.74 -14.35
N GLY B 104 15.03 -4.70 -15.25
CA GLY B 104 14.80 -4.32 -16.67
C GLY B 104 14.31 -5.54 -17.43
N TRP B 105 13.19 -5.43 -18.14
CA TRP B 105 12.59 -6.64 -18.79
C TRP B 105 13.42 -7.30 -19.91
N ASP B 106 14.01 -6.54 -20.82
CA ASP B 106 14.85 -7.14 -21.91
C ASP B 106 14.08 -8.26 -22.64
N VAL B 107 12.82 -7.99 -23.01
CA VAL B 107 11.94 -9.02 -23.66
C VAL B 107 12.39 -9.35 -25.08
N GLU B 108 12.48 -10.64 -25.41
CA GLU B 108 12.82 -11.07 -26.79
C GLU B 108 11.66 -11.95 -27.27
N VAL B 109 11.04 -11.61 -28.40
CA VAL B 109 9.90 -12.44 -28.91
C VAL B 109 10.26 -12.96 -30.30
N SER B 110 10.12 -14.26 -30.53
CA SER B 110 10.48 -14.82 -31.86
C SER B 110 9.29 -15.59 -32.46
N ALA B 111 8.87 -15.22 -33.66
CA ALA B 111 7.80 -15.94 -34.38
C ALA B 111 8.46 -16.58 -35.60
N VAL B 112 8.44 -17.92 -35.69
CA VAL B 112 9.15 -18.59 -36.81
C VAL B 112 8.18 -18.86 -37.97
N GLY B 113 8.54 -18.36 -39.16
CA GLY B 113 7.73 -18.53 -40.38
C GLY B 113 8.60 -19.06 -41.51
N ASN B 114 7.96 -19.63 -42.54
CA ASN B 114 8.68 -20.23 -43.71
C ASN B 114 9.40 -19.19 -44.57
N GLN B 115 8.97 -17.92 -44.50
CA GLN B 115 9.44 -16.69 -45.21
C GLN B 115 8.89 -16.75 -46.64
N PHE B 116 7.75 -17.42 -46.82
CA PHE B 116 7.06 -17.45 -48.14
C PHE B 116 5.70 -16.83 -47.82
N ASN B 117 5.46 -16.54 -46.54
CA ASN B 117 4.19 -15.90 -46.08
C ASN B 117 4.56 -14.50 -45.56
N GLY B 118 3.89 -13.46 -46.08
CA GLY B 118 4.25 -12.10 -45.64
C GLY B 118 3.21 -11.51 -44.70
N GLY B 119 3.63 -11.22 -43.47
CA GLY B 119 2.75 -10.60 -42.46
C GLY B 119 3.57 -9.66 -41.57
N CYS B 120 2.99 -8.54 -41.15
CA CYS B 120 3.77 -7.62 -40.28
C CYS B 120 3.16 -7.66 -38.87
N LEU B 121 3.98 -8.02 -37.89
CA LEU B 121 3.54 -8.12 -36.47
C LEU B 121 4.34 -7.10 -35.66
N LEU B 122 3.66 -6.26 -34.87
CA LEU B 122 4.40 -5.24 -34.09
C LEU B 122 4.41 -5.65 -32.61
N VAL B 123 5.60 -5.81 -32.04
CA VAL B 123 5.73 -6.18 -30.60
C VAL B 123 6.30 -4.97 -29.88
N ALA B 124 5.59 -4.47 -28.86
CA ALA B 124 6.07 -3.27 -28.13
C ALA B 124 5.91 -3.49 -26.61
N MET B 125 6.72 -2.78 -25.83
CA MET B 125 6.62 -2.85 -24.34
C MET B 125 5.99 -1.52 -23.91
N VAL B 126 4.81 -1.57 -23.29
CA VAL B 126 4.12 -0.30 -22.89
C VAL B 126 3.97 -0.26 -21.37
N PRO B 127 4.45 0.80 -20.68
CA PRO B 127 4.33 0.91 -19.23
C PRO B 127 2.89 1.24 -18.81
N GLU B 128 2.44 0.71 -17.67
CA GLU B 128 1.07 0.99 -17.14
C GLU B 128 0.04 0.73 -18.24
N PHE B 129 0.09 -0.44 -18.87
CA PHE B 129 -0.82 -0.73 -20.02
C PHE B 129 -2.29 -0.63 -19.60
N LYS B 130 -3.08 -0.01 -20.48
CA LYS B 130 -4.54 0.17 -20.33
C LYS B 130 -5.17 -0.31 -21.64
N GLU B 131 -6.36 -0.92 -21.59
CA GLU B 131 -6.97 -1.45 -22.84
C GLU B 131 -7.17 -0.31 -23.84
N PHE B 132 -6.75 -0.54 -25.09
CA PHE B 132 -6.88 0.47 -26.18
C PHE B 132 -8.31 0.45 -26.75
N THR B 133 -8.74 1.57 -27.35
CA THR B 133 -10.10 1.68 -27.94
C THR B 133 -10.06 1.34 -29.43
N THR B 134 -8.85 1.01 -29.91
CA THR B 134 -8.41 0.62 -31.30
C THR B 134 -8.18 1.87 -32.15
N ARG B 135 -8.23 3.06 -31.53
CA ARG B 135 -7.93 4.32 -32.25
C ARG B 135 -6.47 4.49 -31.87
N GLU B 136 -6.16 4.13 -30.62
CA GLU B 136 -4.80 4.18 -30.00
C GLU B 136 -3.85 3.17 -30.68
N LYS B 137 -4.40 2.09 -31.23
CA LYS B 137 -3.60 1.03 -31.91
C LYS B 137 -2.86 1.62 -33.12
N TYR B 138 -3.47 2.55 -33.84
CA TYR B 138 -2.79 3.19 -34.99
C TYR B 138 -1.52 3.92 -34.51
N GLN B 139 -1.60 4.60 -33.36
CA GLN B 139 -0.44 5.38 -32.82
C GLN B 139 0.29 4.57 -31.74
N LEU B 140 -0.01 3.28 -31.62
CA LEU B 140 0.64 2.37 -30.62
C LEU B 140 2.15 2.22 -30.82
N THR B 141 2.70 2.72 -31.93
CA THR B 141 4.15 2.66 -32.28
C THR B 141 5.01 3.61 -31.43
N LEU B 142 4.40 4.54 -30.68
CA LEU B 142 5.13 5.52 -29.84
C LEU B 142 6.00 4.80 -28.81
N PHE B 143 5.50 3.71 -28.22
CA PHE B 143 6.26 2.91 -27.21
C PHE B 143 7.40 2.14 -27.89
N PRO B 144 8.45 1.72 -27.15
CA PRO B 144 9.58 1.01 -27.75
C PRO B 144 9.03 -0.25 -28.42
N HIS B 145 9.43 -0.50 -29.68
CA HIS B 145 8.87 -1.66 -30.41
C HIS B 145 9.76 -2.09 -31.57
N GLN B 146 9.54 -3.30 -32.06
CA GLN B 146 10.22 -3.87 -33.25
C GLN B 146 9.15 -4.60 -34.07
N PHE B 147 9.34 -4.70 -35.39
CA PHE B 147 8.32 -5.37 -36.23
C PHE B 147 8.80 -6.78 -36.58
N ILE B 148 8.00 -7.79 -36.27
CA ILE B 148 8.36 -9.20 -36.58
C ILE B 148 7.65 -9.59 -37.88
N SER B 149 8.43 -9.80 -38.94
CA SER B 149 7.85 -10.22 -40.24
C SER B 149 8.68 -11.37 -40.80
N PRO B 150 8.07 -12.42 -41.39
CA PRO B 150 8.82 -13.57 -41.93
C PRO B 150 9.78 -13.16 -43.06
N ARG B 151 9.43 -12.14 -43.84
CA ARG B 151 10.26 -11.66 -44.97
C ARG B 151 11.65 -11.23 -44.48
N THR B 152 11.75 -10.54 -43.35
CA THR B 152 13.11 -10.08 -42.92
C THR B 152 13.57 -10.70 -41.59
N ASN B 153 12.95 -10.36 -40.47
CA ASN B 153 13.44 -10.90 -39.16
C ASN B 153 12.33 -11.63 -38.40
N MET B 154 12.60 -12.88 -38.02
CA MET B 154 11.62 -13.72 -37.28
C MET B 154 11.68 -13.43 -35.77
N THR B 155 12.72 -12.72 -35.30
CA THR B 155 12.86 -12.46 -33.84
C THR B 155 13.03 -10.96 -33.57
N ALA B 156 12.31 -10.43 -32.57
CA ALA B 156 12.42 -9.01 -32.17
C ALA B 156 12.97 -8.94 -30.75
N HIS B 157 14.03 -8.17 -30.54
CA HIS B 157 14.69 -8.05 -29.19
C HIS B 157 14.51 -6.61 -28.69
N ILE B 158 13.85 -6.43 -27.53
CA ILE B 158 13.63 -5.07 -26.95
C ILE B 158 14.11 -5.04 -25.50
N THR B 159 15.00 -4.12 -25.14
CA THR B 159 15.44 -4.06 -23.72
C THR B 159 14.99 -2.71 -23.14
N VAL B 160 14.20 -2.73 -22.05
CA VAL B 160 13.69 -1.46 -21.46
C VAL B 160 14.06 -1.42 -19.98
N PRO B 161 14.65 -0.32 -19.48
CA PRO B 161 15.00 -0.19 -18.06
C PRO B 161 13.68 -0.07 -17.27
N TYR B 162 13.63 -0.65 -16.07
CA TYR B 162 12.38 -0.59 -15.28
C TYR B 162 12.07 0.87 -14.92
N LEU B 163 10.83 1.28 -15.16
CA LEU B 163 10.39 2.67 -14.81
C LEU B 163 9.09 2.57 -14.01
N GLY B 164 9.02 3.27 -12.87
CA GLY B 164 7.81 3.25 -12.03
C GLY B 164 7.72 4.51 -11.19
N VAL B 165 6.55 4.82 -10.66
CA VAL B 165 6.39 6.03 -9.81
C VAL B 165 7.28 5.84 -8.57
N ASN B 166 7.25 4.64 -7.98
CA ASN B 166 8.08 4.34 -6.78
C ASN B 166 9.43 3.76 -7.23
N ARG B 167 10.47 3.89 -6.41
CA ARG B 167 11.80 3.31 -6.78
C ARG B 167 11.62 1.79 -6.87
N TYR B 168 10.94 1.21 -5.88
CA TYR B 168 10.64 -0.24 -5.82
C TYR B 168 9.14 -0.43 -5.60
N ASP B 169 8.50 -1.27 -6.41
CA ASP B 169 7.04 -1.51 -6.29
C ASP B 169 6.79 -3.02 -6.17
N GLN B 170 5.96 -3.45 -5.22
CA GLN B 170 5.71 -4.91 -5.10
C GLN B 170 5.07 -5.35 -6.42
N TYR B 171 5.61 -6.41 -7.02
CA TYR B 171 5.09 -6.90 -8.32
C TYR B 171 3.65 -7.44 -8.18
N ASN B 172 3.34 -8.08 -7.06
CA ASN B 172 1.99 -8.67 -6.89
C ASN B 172 0.95 -7.54 -6.94
N LYS B 173 1.18 -6.44 -6.23
CA LYS B 173 0.22 -5.31 -6.22
C LYS B 173 0.15 -4.62 -7.59
N HIS B 174 1.30 -4.38 -8.22
CA HIS B 174 1.29 -3.70 -9.55
C HIS B 174 2.45 -4.18 -10.43
N LYS B 175 2.22 -4.30 -11.75
CA LYS B 175 3.28 -4.72 -12.70
C LYS B 175 3.52 -3.59 -13.70
N PRO B 176 4.73 -2.98 -13.74
CA PRO B 176 5.01 -1.85 -14.64
C PRO B 176 5.03 -2.08 -16.16
N TRP B 177 5.59 -3.19 -16.63
CA TRP B 177 5.73 -3.41 -18.09
C TRP B 177 4.87 -4.59 -18.56
N THR B 178 4.06 -4.37 -19.61
CA THR B 178 3.27 -5.48 -20.19
C THR B 178 3.70 -5.64 -21.66
N LEU B 179 4.16 -6.83 -22.05
CA LEU B 179 4.56 -7.03 -23.47
C LEU B 179 3.29 -7.12 -24.31
N VAL B 180 3.19 -6.33 -25.37
CA VAL B 180 1.96 -6.37 -26.23
C VAL B 180 2.39 -6.68 -27.66
N VAL B 181 1.77 -7.70 -28.27
CA VAL B 181 2.07 -8.04 -29.68
C VAL B 181 0.82 -7.73 -30.50
N MET B 182 0.95 -6.88 -31.52
CA MET B 182 -0.21 -6.47 -32.35
C MET B 182 0.07 -6.86 -33.80
N VAL B 183 -0.93 -7.40 -34.49
CA VAL B 183 -0.74 -7.83 -35.90
C VAL B 183 -0.96 -6.62 -36.82
N VAL B 184 0.12 -5.95 -37.21
CA VAL B 184 0.04 -4.75 -38.10
C VAL B 184 -0.52 -5.18 -39.46
N SER B 185 -0.04 -6.31 -39.98
CA SER B 185 -0.53 -6.84 -41.28
C SER B 185 -0.99 -8.28 -41.07
N PRO B 186 -2.22 -8.68 -41.46
CA PRO B 186 -2.67 -10.05 -41.25
C PRO B 186 -1.72 -10.98 -42.01
N LEU B 187 -1.30 -12.06 -41.38
CA LEU B 187 -0.36 -13.00 -42.04
C LEU B 187 -1.05 -13.58 -43.27
N THR B 188 -0.38 -13.57 -44.42
CA THR B 188 -1.00 -14.14 -45.65
C THR B 188 -0.31 -15.48 -45.93
N THR B 189 -1.03 -16.58 -45.74
CA THR B 189 -0.45 -17.93 -45.96
C THR B 189 -0.32 -18.22 -47.45
N SER B 190 0.61 -19.09 -47.81
CA SER B 190 0.87 -19.54 -49.20
C SER B 190 1.06 -21.05 -49.19
N SER B 191 0.95 -21.72 -50.35
CA SER B 191 1.12 -23.19 -50.33
C SER B 191 2.53 -23.53 -49.82
N ILE B 192 3.54 -22.82 -50.31
CA ILE B 192 4.97 -23.02 -49.87
C ILE B 192 5.13 -22.60 -48.42
N GLY B 193 4.51 -21.48 -48.02
CA GLY B 193 4.66 -20.90 -46.67
C GLY B 193 3.96 -21.68 -45.57
N ALA B 194 4.36 -21.45 -44.32
CA ALA B 194 3.76 -22.13 -43.14
C ALA B 194 2.30 -21.69 -43.03
N SER B 195 1.40 -22.64 -42.71
CA SER B 195 -0.05 -22.32 -42.59
C SER B 195 -0.27 -21.31 -41.45
N GLN B 196 0.41 -21.52 -40.33
CA GLN B 196 0.31 -20.59 -39.16
C GLN B 196 1.68 -20.52 -38.48
N ILE B 197 1.99 -19.42 -37.81
CA ILE B 197 3.31 -19.30 -37.11
C ILE B 197 3.05 -18.97 -35.64
N LYS B 198 3.53 -19.83 -34.72
CA LYS B 198 3.35 -19.60 -33.27
C LYS B 198 4.29 -18.49 -32.80
N VAL B 199 3.92 -17.78 -31.72
CA VAL B 199 4.78 -16.69 -31.19
C VAL B 199 5.20 -17.06 -29.76
N TYR B 200 6.52 -17.05 -29.48
CA TYR B 200 7.06 -17.36 -28.15
C TYR B 200 7.94 -16.20 -27.70
N THR B 201 7.99 -15.93 -26.39
CA THR B 201 8.83 -14.80 -25.91
C THR B 201 9.83 -15.27 -24.86
N ASN B 202 11.12 -14.99 -25.09
CA ASN B 202 12.18 -15.31 -24.09
C ASN B 202 12.47 -13.99 -23.39
N ILE B 203 12.11 -13.86 -22.11
CA ILE B 203 12.33 -12.58 -21.37
C ILE B 203 13.25 -12.85 -20.19
N ALA B 204 14.34 -12.09 -20.05
CA ALA B 204 15.26 -12.29 -18.91
C ALA B 204 15.37 -11.00 -18.11
N PRO B 205 15.09 -10.99 -16.79
CA PRO B 205 15.19 -9.76 -16.01
C PRO B 205 16.64 -9.27 -16.05
N THR B 206 16.83 -7.96 -16.22
CA THR B 206 18.18 -7.35 -16.31
C THR B 206 18.36 -6.37 -15.16
N HIS B 207 19.48 -6.45 -14.45
CA HIS B 207 19.80 -5.56 -13.29
C HIS B 207 18.69 -5.68 -12.22
N VAL B 208 18.22 -6.90 -11.96
CA VAL B 208 17.17 -7.12 -10.93
C VAL B 208 17.77 -6.86 -9.55
N HIS B 209 17.05 -6.14 -8.69
CA HIS B 209 17.50 -5.82 -7.31
C HIS B 209 16.38 -6.18 -6.34
N VAL B 210 16.71 -6.61 -5.12
CA VAL B 210 15.65 -6.98 -4.13
C VAL B 210 15.97 -6.31 -2.79
N ALA B 211 14.93 -6.03 -1.99
CA ALA B 211 15.12 -5.39 -0.67
C ALA B 211 13.93 -5.73 0.23
N GLY B 212 14.04 -5.44 1.53
CA GLY B 212 12.95 -5.73 2.49
C GLY B 212 13.36 -7.17 2.22
N GLU B 213 12.92 -8.08 3.09
CA GLU B 213 13.25 -9.53 2.96
C GLU B 213 11.94 -9.80 3.71
N LEU B 214 11.10 -10.68 3.14
CA LEU B 214 9.76 -11.01 3.69
C LEU B 214 9.81 -12.39 4.37
N PRO B 215 9.29 -12.55 5.60
CA PRO B 215 9.33 -13.84 6.32
C PRO B 215 8.52 -14.94 5.63
N SER B 216 9.07 -16.15 5.58
CA SER B 216 8.40 -17.32 4.96
C SER B 216 7.27 -17.85 5.86
N LYS B 217 6.30 -18.56 5.29
CA LYS B 217 5.18 -19.13 6.07
C LYS B 217 5.74 -20.10 7.12
N GLY C 1 4.55 62.11 -14.06
CA GLY C 1 3.61 61.01 -14.35
C GLY C 1 3.75 59.87 -13.35
N ILE C 2 2.68 59.58 -12.61
CA ILE C 2 2.70 58.48 -11.59
C ILE C 2 2.89 57.15 -12.32
N VAL C 3 3.71 56.26 -11.75
CA VAL C 3 3.99 54.92 -12.35
C VAL C 3 2.68 54.12 -12.37
N PRO C 4 2.37 53.34 -13.43
CA PRO C 4 1.13 52.57 -13.48
C PRO C 4 1.38 51.19 -12.84
N VAL C 5 0.78 50.95 -11.68
CA VAL C 5 0.96 49.66 -10.93
C VAL C 5 0.37 48.49 -11.73
N ALA C 6 -0.77 48.70 -12.39
CA ALA C 6 -1.44 47.62 -13.15
C ALA C 6 -1.63 46.40 -12.23
N CYS C 7 -2.19 46.62 -11.04
CA CYS C 7 -2.37 45.57 -10.01
C CYS C 7 -3.20 44.41 -10.57
N SER C 8 -2.76 43.18 -10.27
CA SER C 8 -3.42 41.93 -10.74
C SER C 8 -4.74 41.70 -10.00
N ASP C 9 -5.62 40.89 -10.59
CA ASP C 9 -6.95 40.56 -10.02
C ASP C 9 -7.01 39.06 -9.70
N GLY C 10 -7.54 38.71 -8.52
CA GLY C 10 -7.70 37.30 -8.11
C GLY C 10 -6.51 36.77 -7.31
N TYR C 11 -5.48 37.58 -7.07
CA TYR C 11 -4.34 37.10 -6.26
C TYR C 11 -3.89 38.18 -5.27
N GLY C 12 -3.19 37.78 -4.21
CA GLY C 12 -2.73 38.71 -3.16
C GLY C 12 -3.63 38.66 -1.94
N GLY C 13 -4.63 37.77 -1.95
CA GLY C 13 -5.52 37.60 -0.78
C GLY C 13 -4.72 37.08 0.40
N LEU C 14 -5.04 37.53 1.62
CA LEU C 14 -4.25 37.10 2.81
C LEU C 14 -4.33 35.58 2.95
N VAL C 15 -3.20 34.94 3.22
CA VAL C 15 -3.11 33.45 3.38
C VAL C 15 -2.57 33.14 4.78
N THR C 16 -3.15 32.14 5.43
CA THR C 16 -2.73 31.76 6.81
C THR C 16 -1.26 31.32 6.84
N THR C 17 -0.81 30.61 5.80
CA THR C 17 0.59 30.12 5.73
C THR C 17 1.43 31.01 4.82
N ASP C 18 0.90 32.16 4.40
CA ASP C 18 1.62 33.07 3.47
C ASP C 18 2.92 33.56 4.10
N PRO C 19 4.04 33.58 3.34
CA PRO C 19 5.35 34.05 3.84
C PRO C 19 5.43 35.56 4.11
N LYS C 20 4.56 36.35 3.48
CA LYS C 20 4.58 37.83 3.62
C LYS C 20 4.43 38.22 5.10
N THR C 21 5.19 39.23 5.53
CA THR C 21 5.15 39.73 6.93
C THR C 21 4.30 41.01 6.98
N ALA C 22 3.37 41.08 7.93
CA ALA C 22 2.46 42.24 8.06
C ALA C 22 3.23 43.51 8.48
N ASP C 23 2.72 44.68 8.07
CA ASP C 23 3.35 45.99 8.39
C ASP C 23 3.37 46.21 9.90
N PRO C 24 4.45 46.75 10.50
CA PRO C 24 4.50 46.97 11.94
C PRO C 24 3.53 48.10 12.34
N ALA C 25 2.73 47.86 13.38
CA ALA C 25 1.76 48.86 13.88
C ALA C 25 2.27 49.51 15.16
N TYR C 26 3.47 49.16 15.60
CA TYR C 26 4.01 49.73 16.87
C TYR C 26 5.49 50.08 16.71
N GLY C 27 5.99 50.97 17.59
CA GLY C 27 7.41 51.41 17.58
C GLY C 27 8.35 50.32 18.06
N MET C 28 9.63 50.43 17.71
CA MET C 28 10.61 49.38 18.12
C MET C 28 10.65 49.30 19.64
N VAL C 29 10.59 48.07 20.17
CA VAL C 29 10.63 47.82 21.64
C VAL C 29 11.72 46.79 21.90
N TYR C 30 12.60 47.04 22.89
CA TYR C 30 13.66 46.06 23.21
C TYR C 30 13.13 45.15 24.33
N ASN C 31 12.98 43.86 24.03
CA ASN C 31 12.45 42.86 25.01
C ASN C 31 13.54 42.51 26.03
N PRO C 32 13.20 41.94 27.21
CA PRO C 32 14.21 41.59 28.20
C PRO C 32 15.18 40.61 27.56
N PRO C 33 16.50 40.79 27.73
CA PRO C 33 17.48 39.92 27.06
C PRO C 33 17.61 38.51 27.64
N ARG C 34 17.58 37.51 26.77
CA ARG C 34 17.79 36.10 27.18
C ARG C 34 18.97 35.57 26.36
N THR C 35 20.05 35.16 27.04
CA THR C 35 21.25 34.64 26.32
C THR C 35 21.52 33.21 26.79
N ASN C 36 21.65 32.28 25.84
CA ASN C 36 21.93 30.84 26.11
C ASN C 36 20.93 30.29 27.14
N TYR C 37 19.64 30.58 26.97
CA TYR C 37 18.59 30.09 27.90
C TYR C 37 18.60 28.56 27.84
N PRO C 38 18.54 27.85 28.98
CA PRO C 38 18.61 26.38 28.98
C PRO C 38 17.39 25.65 28.41
N GLY C 39 17.65 24.55 27.69
CA GLY C 39 16.60 23.67 27.15
C GLY C 39 16.02 24.14 25.82
N ARG C 40 16.53 25.22 25.24
CA ARG C 40 15.96 25.69 23.94
C ARG C 40 16.19 24.62 22.87
N PHE C 41 15.16 24.29 22.10
CA PHE C 41 15.30 23.29 21.00
C PHE C 41 14.90 23.94 19.68
N THR C 42 15.86 24.07 18.76
CA THR C 42 15.63 24.71 17.44
C THR C 42 14.67 23.88 16.57
N ASN C 43 14.84 22.56 16.56
CA ASN C 43 14.02 21.68 15.68
C ASN C 43 13.22 20.66 16.50
N LEU C 44 11.93 20.51 16.18
CA LEU C 44 11.03 19.55 16.87
C LEU C 44 11.55 18.12 16.66
N LEU C 45 12.04 17.82 15.46
CA LEU C 45 12.54 16.47 15.12
C LEU C 45 13.73 16.13 16.02
N ASP C 46 14.61 17.10 16.29
CA ASP C 46 15.79 16.85 17.16
C ASP C 46 15.31 16.43 18.56
N VAL C 47 14.27 17.09 19.08
CA VAL C 47 13.76 16.76 20.45
C VAL C 47 13.28 15.31 20.47
N ALA C 48 12.54 14.90 19.43
CA ALA C 48 12.04 13.50 19.37
C ALA C 48 13.22 12.55 19.29
N GLU C 49 14.22 12.88 18.47
CA GLU C 49 15.44 12.06 18.30
C GLU C 49 16.28 12.05 19.59
N ALA C 50 16.46 13.22 20.22
CA ALA C 50 17.31 13.33 21.42
C ALA C 50 16.75 12.53 22.60
N CYS C 51 15.44 12.63 22.87
CA CYS C 51 14.86 11.91 24.04
C CYS C 51 13.78 10.94 23.56
N PRO C 52 13.93 9.62 23.83
CA PRO C 52 12.95 8.62 23.41
C PRO C 52 11.71 8.58 24.33
N THR C 53 10.57 8.10 23.81
CA THR C 53 9.31 8.03 24.60
C THR C 53 8.73 6.60 24.55
N PHE C 54 7.94 6.23 25.57
CA PHE C 54 7.37 4.86 25.69
C PHE C 54 6.23 4.61 24.70
N LEU C 55 5.91 3.34 24.46
CA LEU C 55 4.84 2.92 23.52
C LEU C 55 3.65 2.40 24.33
N CYS C 56 2.44 2.74 23.90
CA CYS C 56 1.21 2.26 24.60
C CYS C 56 1.11 0.74 24.49
N PHE C 57 0.73 0.07 25.57
CA PHE C 57 0.55 -1.40 25.57
C PHE C 57 -0.70 -1.77 26.37
N ASP C 58 -0.94 -3.07 26.55
CA ASP C 58 -2.13 -3.59 27.27
C ASP C 58 -2.33 -2.86 28.60
N ASP C 59 -3.53 -2.31 28.81
CA ASP C 59 -3.93 -1.60 30.06
C ASP C 59 -3.02 -0.37 30.30
N GLY C 60 -2.67 0.35 29.23
CA GLY C 60 -1.86 1.58 29.33
C GLY C 60 -0.55 1.39 30.07
N LYS C 61 0.16 0.29 29.81
CA LYS C 61 1.49 0.02 30.45
C LYS C 61 2.47 -0.27 29.31
N PRO C 62 3.72 0.53 29.11
CA PRO C 62 4.81 0.58 28.13
C PRO C 62 5.66 -0.71 28.07
N TYR C 63 5.98 -1.28 29.23
CA TYR C 63 6.81 -2.51 29.30
C TYR C 63 5.98 -3.72 28.86
N VAL C 64 6.60 -4.64 28.11
CA VAL C 64 5.89 -5.87 27.68
C VAL C 64 6.32 -7.00 28.62
N VAL C 65 5.41 -7.42 29.51
CA VAL C 65 5.71 -8.50 30.50
C VAL C 65 5.81 -9.82 29.75
N THR C 66 6.69 -10.72 30.20
CA THR C 66 6.85 -12.07 29.59
C THR C 66 5.53 -12.84 29.75
N ARG C 67 4.97 -13.31 28.63
CA ARG C 67 3.67 -14.04 28.62
C ARG C 67 3.70 -15.21 29.62
N ALA C 68 2.62 -15.37 30.39
CA ALA C 68 2.49 -16.46 31.38
C ALA C 68 2.47 -17.80 30.62
N ASP C 69 1.76 -17.83 29.49
CA ASP C 69 1.66 -19.02 28.60
C ASP C 69 2.89 -19.09 27.70
N GLU C 70 3.06 -20.19 26.97
CA GLU C 70 4.26 -20.36 26.09
C GLU C 70 4.05 -19.60 24.78
N GLN C 71 4.14 -18.27 24.83
CA GLN C 71 4.00 -17.42 23.62
C GLN C 71 5.35 -16.73 23.38
N ARG C 72 5.93 -16.91 22.18
CA ARG C 72 7.27 -16.34 21.89
C ARG C 72 7.15 -14.91 21.34
N LEU C 73 5.94 -14.48 20.96
CA LEU C 73 5.77 -13.10 20.43
C LEU C 73 5.12 -12.23 21.51
N LEU C 74 5.88 -11.35 22.14
CA LEU C 74 5.35 -10.49 23.22
C LEU C 74 4.32 -9.49 22.65
N ALA C 75 4.65 -8.84 21.53
CA ALA C 75 3.70 -7.87 20.92
C ALA C 75 4.06 -7.64 19.45
N LYS C 76 3.04 -7.35 18.63
CA LYS C 76 3.23 -7.07 17.17
C LYS C 76 2.48 -5.77 16.85
N PHE C 77 3.16 -4.78 16.27
CA PHE C 77 2.47 -3.50 15.97
C PHE C 77 2.77 -3.03 14.54
N ASP C 78 1.85 -2.25 13.97
CA ASP C 78 2.02 -1.71 12.60
C ASP C 78 3.18 -0.71 12.61
N LEU C 79 3.98 -0.69 11.53
CA LEU C 79 5.14 0.22 11.39
C LEU C 79 4.70 1.68 11.25
N SER C 80 3.47 1.92 10.76
CA SER C 80 2.94 3.28 10.55
C SER C 80 2.93 4.05 11.87
N LEU C 81 3.25 5.35 11.81
CA LEU C 81 3.33 6.23 13.01
C LEU C 81 1.96 6.28 13.70
N ALA C 82 0.86 6.32 12.95
CA ALA C 82 -0.48 6.36 13.55
C ALA C 82 -0.94 4.94 13.89
N ALA C 83 -0.33 4.34 14.92
CA ALA C 83 -0.65 2.97 15.40
C ALA C 83 -0.94 3.06 16.89
N LYS C 84 -1.95 2.32 17.36
CA LYS C 84 -2.36 2.31 18.80
C LYS C 84 -1.12 2.16 19.70
N HIS C 85 -0.26 1.19 19.39
CA HIS C 85 0.96 0.95 20.20
C HIS C 85 1.77 2.25 20.35
N MET C 86 1.87 3.04 19.29
CA MET C 86 2.65 4.30 19.32
C MET C 86 1.70 5.50 19.50
N SER C 87 0.42 5.25 19.80
CA SER C 87 -0.54 6.38 19.93
C SER C 87 -0.11 7.34 21.04
N ASN C 88 0.36 6.83 22.17
CA ASN C 88 0.76 7.70 23.30
C ASN C 88 2.22 8.20 23.16
N THR C 89 2.99 7.63 22.23
CA THR C 89 4.42 8.06 22.10
C THR C 89 4.51 9.50 21.62
N TYR C 90 5.50 10.25 22.13
CA TYR C 90 5.71 11.67 21.74
C TYR C 90 6.09 11.76 20.25
N LEU C 91 6.93 10.84 19.78
CA LEU C 91 7.40 10.89 18.36
C LEU C 91 6.21 10.82 17.42
N SER C 92 5.24 9.95 17.70
CA SER C 92 4.03 9.87 16.84
C SER C 92 3.23 11.17 16.94
N GLY C 93 3.18 11.76 18.13
CA GLY C 93 2.39 13.00 18.32
C GLY C 93 2.89 14.14 17.44
N ILE C 94 4.21 14.37 17.41
CA ILE C 94 4.76 15.43 16.52
C ILE C 94 4.54 15.00 15.06
N ALA C 95 4.73 13.71 14.80
CA ALA C 95 4.58 13.11 13.45
C ALA C 95 3.14 13.19 12.94
N GLN C 96 2.16 13.18 13.85
CA GLN C 96 0.73 13.21 13.44
C GLN C 96 0.45 14.49 12.64
N TYR C 97 0.99 15.62 13.08
CA TYR C 97 0.77 16.89 12.35
C TYR C 97 1.36 16.81 10.93
N TYR C 98 2.59 16.31 10.80
CA TYR C 98 3.20 16.25 9.44
C TYR C 98 2.40 15.28 8.55
N ALA C 99 2.22 15.66 7.29
CA ALA C 99 1.42 14.84 6.34
C ALA C 99 2.08 13.48 6.09
N GLN C 100 3.40 13.45 5.89
CA GLN C 100 4.10 12.17 5.61
C GLN C 100 5.49 12.19 6.26
N TYR C 101 6.06 11.00 6.50
CA TYR C 101 7.38 10.87 7.17
C TYR C 101 8.31 9.98 6.34
N SER C 102 9.62 10.14 6.54
CA SER C 102 10.65 9.34 5.85
C SER C 102 11.82 9.07 6.80
N GLY C 103 12.64 8.06 6.50
CA GLY C 103 13.80 7.72 7.34
C GLY C 103 13.50 6.65 8.36
N THR C 104 14.55 6.04 8.92
CA THR C 104 14.46 4.94 9.91
C THR C 104 13.89 5.45 11.24
N ILE C 105 13.08 4.62 11.90
CA ILE C 105 12.52 4.95 13.25
C ILE C 105 13.26 4.07 14.25
N ASN C 106 13.95 4.67 15.23
CA ASN C 106 14.73 3.89 16.22
C ASN C 106 13.84 3.37 17.34
N LEU C 107 13.99 2.08 17.69
CA LEU C 107 13.23 1.49 18.82
C LEU C 107 14.25 1.11 19.89
N HIS C 108 14.07 1.61 21.12
CA HIS C 108 15.00 1.28 22.23
C HIS C 108 14.31 0.31 23.18
N PHE C 109 14.89 -0.88 23.36
CA PHE C 109 14.31 -1.86 24.32
C PHE C 109 15.28 -1.96 25.50
N MET C 110 14.79 -1.65 26.71
CA MET C 110 15.69 -1.75 27.89
C MET C 110 15.08 -2.74 28.88
N PHE C 111 15.84 -3.77 29.26
CA PHE C 111 15.35 -4.78 30.22
C PHE C 111 15.25 -4.13 31.61
N THR C 112 14.16 -4.40 32.33
CA THR C 112 13.96 -3.87 33.70
C THR C 112 13.57 -5.04 34.60
N GLY C 113 14.52 -5.95 34.84
CA GLY C 113 14.29 -7.16 35.65
C GLY C 113 15.42 -7.38 36.64
N SER C 114 15.21 -8.27 37.61
CA SER C 114 16.24 -8.57 38.64
C SER C 114 17.46 -9.27 38.02
N THR C 115 18.62 -9.15 38.67
CA THR C 115 19.89 -9.73 38.17
C THR C 115 19.79 -11.25 38.02
N ASP C 116 19.07 -11.93 38.93
CA ASP C 116 18.90 -13.41 38.85
C ASP C 116 18.18 -13.80 37.55
N SER C 117 17.22 -12.99 37.10
CA SER C 117 16.45 -13.30 35.86
C SER C 117 17.22 -12.87 34.61
N LYS C 118 17.46 -13.80 33.68
CA LYS C 118 18.16 -13.50 32.41
C LYS C 118 17.27 -13.99 31.26
N ALA C 119 17.02 -13.12 30.27
CA ALA C 119 16.16 -13.49 29.12
C ALA C 119 16.77 -12.99 27.81
N ARG C 120 16.38 -13.61 26.69
CA ARG C 120 16.88 -13.23 25.34
C ARG C 120 15.69 -12.73 24.51
N TYR C 121 15.80 -11.52 23.94
CA TYR C 121 14.68 -10.94 23.15
C TYR C 121 15.13 -10.67 21.71
N MET C 122 14.22 -10.87 20.76
CA MET C 122 14.52 -10.62 19.32
C MET C 122 13.49 -9.64 18.75
N VAL C 123 13.95 -8.56 18.12
CA VAL C 123 13.01 -7.58 17.49
C VAL C 123 13.15 -7.77 15.99
N ALA C 124 12.07 -8.12 15.30
CA ALA C 124 12.12 -8.38 13.85
C ALA C 124 11.19 -7.44 13.09
N TYR C 125 11.69 -6.79 12.04
CA TYR C 125 10.85 -5.89 11.22
C TYR C 125 10.36 -6.71 10.02
N VAL C 126 9.04 -6.77 9.81
CA VAL C 126 8.48 -7.56 8.69
C VAL C 126 8.01 -6.59 7.61
N PRO C 127 8.44 -6.73 6.34
CA PRO C 127 8.00 -5.86 5.25
C PRO C 127 6.54 -6.16 4.90
N PRO C 128 5.78 -5.21 4.30
CA PRO C 128 4.37 -5.46 4.00
C PRO C 128 4.15 -6.23 2.69
N GLY C 129 4.63 -7.47 2.63
CA GLY C 129 4.46 -8.36 1.47
C GLY C 129 3.66 -9.59 1.84
N VAL C 130 3.19 -9.66 3.09
CA VAL C 130 2.41 -10.82 3.60
C VAL C 130 1.11 -10.31 4.23
N THR C 131 0.07 -11.14 4.23
CA THR C 131 -1.25 -10.75 4.78
C THR C 131 -1.13 -10.52 6.29
N THR C 132 -0.38 -11.37 6.98
CA THR C 132 -0.17 -11.27 8.45
C THR C 132 1.32 -11.13 8.77
N PRO C 133 1.80 -10.77 10.09
CA PRO C 133 3.30 -10.57 10.88
C PRO C 133 3.97 -11.95 10.86
N PRO C 134 5.29 -12.09 11.08
CA PRO C 134 5.95 -13.42 11.11
C PRO C 134 5.21 -14.19 12.21
N ASP C 135 4.74 -15.41 11.94
CA ASP C 135 3.87 -15.98 13.01
C ASP C 135 4.73 -16.30 14.25
N THR C 136 5.91 -16.88 14.05
CA THR C 136 6.81 -17.24 15.18
C THR C 136 8.23 -16.76 14.88
N PRO C 137 9.20 -16.59 15.95
CA PRO C 137 10.81 -16.14 16.17
C PRO C 137 11.65 -16.84 15.11
N GLU C 138 11.18 -18.00 14.64
CA GLU C 138 11.87 -18.78 13.58
C GLU C 138 11.37 -18.28 12.23
N ARG C 139 10.06 -18.30 12.02
CA ARG C 139 9.45 -17.83 10.74
C ARG C 139 9.86 -16.38 10.50
N ALA C 140 9.95 -15.58 11.57
CA ALA C 140 10.32 -14.15 11.47
C ALA C 140 11.83 -13.97 11.32
N ALA C 141 12.60 -15.05 11.45
CA ALA C 141 14.08 -14.98 11.35
C ALA C 141 14.53 -14.51 9.96
N HIS C 142 13.81 -14.91 8.92
CA HIS C 142 14.19 -14.58 7.52
C HIS C 142 14.22 -13.06 7.29
N CYS C 143 13.24 -12.32 7.84
CA CYS C 143 13.19 -10.83 7.68
C CYS C 143 14.22 -10.16 8.59
N ILE C 144 14.53 -8.88 8.35
CA ILE C 144 15.56 -8.16 9.16
C ILE C 144 15.15 -8.25 10.64
N HIS C 145 16.08 -8.68 11.50
CA HIS C 145 15.79 -8.84 12.95
C HIS C 145 17.08 -8.77 13.76
N ALA C 146 16.99 -8.45 15.04
CA ALA C 146 18.17 -8.40 15.93
C ALA C 146 17.85 -9.18 17.21
N GLU C 147 18.73 -10.09 17.62
CA GLU C 147 18.50 -10.86 18.88
C GLU C 147 19.54 -10.39 19.90
N TRP C 148 19.11 -9.89 21.07
CA TRP C 148 20.08 -9.39 22.07
C TRP C 148 19.83 -10.04 23.43
N ASP C 149 20.88 -10.63 24.03
CA ASP C 149 20.80 -11.25 25.38
C ASP C 149 20.80 -10.11 26.41
N THR C 150 20.21 -10.31 27.58
CA THR C 150 20.19 -9.22 28.61
C THR C 150 21.42 -9.39 29.51
N GLY C 151 22.39 -8.48 29.39
CA GLY C 151 23.63 -8.51 30.18
C GLY C 151 23.80 -7.26 31.03
N LEU C 152 25.04 -6.80 31.16
CA LEU C 152 25.36 -5.58 31.95
C LEU C 152 24.65 -4.37 31.33
N ASN C 153 24.63 -4.28 29.99
CA ASN C 153 23.96 -3.15 29.33
C ASN C 153 22.47 -3.52 29.19
N SER C 154 21.62 -2.88 30.00
CA SER C 154 20.16 -3.14 30.04
C SER C 154 19.46 -2.76 28.73
N LYS C 155 19.81 -1.62 28.14
CA LYS C 155 19.07 -1.14 26.94
C LYS C 155 19.79 -1.49 25.63
N PHE C 156 19.07 -2.13 24.72
CA PHE C 156 19.57 -2.45 23.36
C PHE C 156 18.70 -1.67 22.37
N THR C 157 19.32 -0.89 21.48
CA THR C 157 18.53 -0.07 20.53
C THR C 157 18.61 -0.66 19.13
N PHE C 158 17.45 -0.98 18.54
CA PHE C 158 17.41 -1.52 17.16
C PHE C 158 16.69 -0.48 16.29
N SER C 159 17.36 -0.01 15.23
CA SER C 159 16.75 1.00 14.33
C SER C 159 15.91 0.28 13.28
N ILE C 160 14.65 0.69 13.11
CA ILE C 160 13.77 0.03 12.10
C ILE C 160 14.11 0.63 10.74
N PRO C 161 14.62 -0.16 9.78
CA PRO C 161 14.98 0.39 8.46
C PRO C 161 13.70 0.82 7.74
N TYR C 162 13.75 1.94 7.03
CA TYR C 162 12.54 2.39 6.29
C TYR C 162 12.68 1.97 4.83
N VAL C 163 11.89 0.99 4.41
CA VAL C 163 11.91 0.51 2.99
C VAL C 163 10.48 0.55 2.46
N SER C 164 10.25 1.26 1.37
CA SER C 164 8.88 1.35 0.77
C SER C 164 8.98 1.68 -0.72
N ALA C 165 7.95 1.35 -1.50
CA ALA C 165 7.94 1.64 -2.94
C ALA C 165 7.98 3.17 -3.13
N ALA C 166 7.19 3.89 -2.33
CA ALA C 166 7.13 5.37 -2.38
C ALA C 166 8.29 5.93 -1.54
N ASP C 167 8.91 7.03 -2.00
CA ASP C 167 10.04 7.64 -1.25
C ASP C 167 9.52 8.11 0.12
N TYR C 168 8.32 8.69 0.16
CA TYR C 168 7.71 9.16 1.43
C TYR C 168 6.46 8.34 1.73
N ALA C 169 6.17 8.10 3.01
CA ALA C 169 5.00 7.29 3.43
C ALA C 169 4.08 8.15 4.31
N TYR C 170 2.76 8.05 4.11
CA TYR C 170 1.79 8.85 4.89
C TYR C 170 1.93 8.50 6.38
N THR C 171 1.95 9.52 7.24
CA THR C 171 2.06 9.33 8.71
C THR C 171 0.84 8.59 9.26
N ALA C 172 -0.36 8.95 8.78
CA ALA C 172 -1.60 8.31 9.29
C ALA C 172 -2.21 7.42 8.20
N SER C 173 -2.45 6.15 8.53
CA SER C 173 -3.03 5.18 7.56
C SER C 173 -4.48 5.55 7.25
N ASP C 174 -4.85 5.58 5.97
CA ASP C 174 -6.24 5.91 5.54
C ASP C 174 -7.16 4.72 5.84
N VAL C 175 -8.45 4.99 6.04
CA VAL C 175 -9.49 3.95 6.35
C VAL C 175 -9.65 2.99 5.16
N ALA C 176 -9.49 3.48 3.94
CA ALA C 176 -9.69 2.67 2.72
C ALA C 176 -8.73 1.47 2.70
N ASP C 177 -7.48 1.68 3.13
CA ASP C 177 -6.49 0.59 3.19
C ASP C 177 -6.86 -0.32 4.37
N THR C 178 -7.22 -1.58 4.11
CA THR C 178 -7.63 -2.56 5.17
C THR C 178 -6.41 -3.29 5.72
N THR C 179 -5.22 -3.00 5.19
CA THR C 179 -3.96 -3.65 5.63
C THR C 179 -2.95 -2.56 6.00
N ASN C 180 -1.94 -2.85 6.82
CA ASN C 180 -1.02 -1.75 7.20
C ASN C 180 -0.37 -1.17 5.94
N VAL C 181 -0.26 0.16 5.87
CA VAL C 181 0.34 0.85 4.70
C VAL C 181 1.80 0.42 4.56
N GLN C 182 2.52 0.31 5.68
CA GLN C 182 3.95 -0.09 5.67
C GLN C 182 3.92 -1.38 6.50
N GLY C 183 5.06 -2.06 6.60
CA GLY C 183 5.19 -3.31 7.39
C GLY C 183 5.02 -3.40 8.89
N TRP C 184 4.49 -4.52 9.43
CA TRP C 184 4.37 -4.61 10.91
C TRP C 184 5.75 -4.87 11.53
N VAL C 185 5.90 -4.56 12.83
CA VAL C 185 7.18 -4.78 13.55
C VAL C 185 6.82 -5.68 14.74
N CYS C 186 7.55 -6.79 14.93
CA CYS C 186 7.20 -7.73 16.03
C CYS C 186 8.38 -7.94 16.99
N ILE C 187 8.09 -7.94 18.29
CA ILE C 187 9.13 -8.19 19.34
C ILE C 187 8.91 -9.62 19.83
N TYR C 188 9.93 -10.49 19.71
CA TYR C 188 9.75 -11.90 20.14
C TYR C 188 10.74 -12.26 21.24
N GLN C 189 10.25 -12.85 22.32
CA GLN C 189 11.15 -13.33 23.41
C GLN C 189 11.47 -14.79 23.11
N ILE C 190 12.59 -15.05 22.41
CA ILE C 190 12.93 -16.44 22.03
C ILE C 190 13.22 -17.33 23.25
N THR C 191 14.00 -16.83 24.22
CA THR C 191 14.33 -17.64 25.41
C THR C 191 14.26 -16.80 26.68
N HIS C 192 13.58 -17.29 27.72
CA HIS C 192 13.52 -16.56 29.01
C HIS C 192 13.88 -17.53 30.15
N GLY C 193 14.84 -17.14 31.00
CA GLY C 193 15.22 -17.99 32.14
C GLY C 193 14.75 -17.33 33.43
N LYS C 194 13.79 -17.94 34.12
CA LYS C 194 13.20 -17.38 35.37
C LYS C 194 12.71 -15.95 35.10
N ALA C 195 12.00 -15.73 33.99
CA ALA C 195 11.51 -14.41 33.57
C ALA C 195 10.02 -14.26 33.88
N GLU C 196 9.46 -15.16 34.68
CA GLU C 196 8.01 -15.04 35.00
C GLU C 196 7.80 -13.69 35.69
N GLN C 197 6.77 -12.94 35.25
CA GLN C 197 6.44 -11.60 35.79
C GLN C 197 7.64 -10.65 35.70
N ASP C 198 8.35 -10.68 34.57
CA ASP C 198 9.51 -9.77 34.34
C ASP C 198 9.15 -8.84 33.18
N THR C 199 9.35 -7.54 33.36
CA THR C 199 8.92 -6.54 32.34
C THR C 199 10.10 -5.92 31.59
N LEU C 200 9.98 -5.87 30.26
CA LEU C 200 11.01 -5.22 29.39
C LEU C 200 10.38 -3.92 28.85
N VAL C 201 11.02 -2.77 29.12
CA VAL C 201 10.48 -1.46 28.66
C VAL C 201 10.92 -1.23 27.22
N VAL C 202 9.98 -0.92 26.34
CA VAL C 202 10.28 -0.66 24.90
C VAL C 202 9.93 0.79 24.57
N SER C 203 10.83 1.52 23.93
CA SER C 203 10.61 2.94 23.60
C SER C 203 10.97 3.22 22.14
N VAL C 204 10.43 4.31 21.57
CA VAL C 204 10.69 4.66 20.13
C VAL C 204 11.16 6.11 20.02
N SER C 205 12.22 6.37 19.25
CA SER C 205 12.74 7.74 19.05
C SER C 205 13.05 7.98 17.58
N ALA C 206 13.07 9.24 17.15
CA ALA C 206 13.34 9.57 15.73
C ALA C 206 14.76 9.11 15.36
N GLY C 207 14.92 8.51 14.18
CA GLY C 207 16.23 8.03 13.69
C GLY C 207 17.07 9.17 13.14
N LYS C 208 18.37 8.93 12.94
CA LYS C 208 19.27 9.99 12.39
C LYS C 208 18.80 10.38 10.99
N ASP C 209 18.41 9.39 10.17
CA ASP C 209 17.94 9.67 8.78
C ASP C 209 16.45 10.05 8.79
N PHE C 210 15.77 9.87 9.93
CA PHE C 210 14.31 10.16 10.00
C PHE C 210 14.06 11.65 9.78
N GLU C 211 13.04 11.98 8.97
CA GLU C 211 12.69 13.39 8.68
C GLU C 211 11.19 13.49 8.41
N LEU C 212 10.58 14.64 8.71
CA LEU C 212 9.13 14.87 8.44
C LEU C 212 9.01 16.09 7.53
N ARG C 213 7.93 16.19 6.77
CA ARG C 213 7.79 17.32 5.82
C ARG C 213 6.31 17.57 5.50
N LEU C 214 6.04 18.62 4.72
CA LEU C 214 4.65 18.97 4.30
C LEU C 214 3.75 19.10 5.52
N PRO C 215 4.09 19.94 6.53
CA PRO C 215 3.26 20.06 7.72
C PRO C 215 1.85 20.50 7.35
N ILE C 216 0.86 19.82 7.94
CA ILE C 216 -0.60 20.05 7.74
C ILE C 216 -1.29 20.05 9.10
N ASP C 217 -2.62 20.15 9.18
CA ASP C 217 -3.21 20.24 10.55
C ASP C 217 -4.28 19.18 10.86
N PRO C 218 -3.94 17.93 11.22
CA PRO C 218 -4.95 16.94 11.57
C PRO C 218 -5.44 17.17 13.01
N ARG C 219 -6.75 17.00 13.23
CA ARG C 219 -7.39 17.16 14.56
C ARG C 219 -6.90 16.04 15.48
N ALA C 220 -6.54 16.39 16.73
CA ALA C 220 -6.03 15.39 17.70
C ALA C 220 -7.04 15.24 18.86
N SER D 15 12.69 28.05 -19.26
CA SER D 15 11.50 28.28 -18.47
C SER D 15 10.25 27.87 -19.24
N GLY D 16 9.11 27.90 -18.57
CA GLY D 16 7.85 27.58 -19.22
C GLY D 16 7.21 28.78 -19.88
N ASN D 17 5.99 29.11 -19.45
CA ASN D 17 5.32 30.30 -19.93
C ASN D 17 5.56 31.50 -19.04
N THR D 18 6.62 31.48 -18.22
CA THR D 18 6.97 32.66 -17.45
C THR D 18 7.75 33.63 -18.31
N GLY D 19 7.32 34.89 -18.31
CA GLY D 19 7.94 35.88 -19.16
C GLY D 19 8.20 37.20 -18.47
N SER D 20 7.89 37.28 -17.18
CA SER D 20 8.17 38.48 -16.42
C SER D 20 9.69 38.62 -16.26
N ILE D 21 10.24 39.72 -16.78
CA ILE D 21 11.70 39.92 -16.74
C ILE D 21 11.98 40.65 -15.43
N ILE D 22 12.02 39.87 -14.36
CA ILE D 22 12.42 40.34 -13.04
C ILE D 22 12.59 39.12 -12.16
N ASN D 23 13.57 39.14 -11.26
CA ASN D 23 13.67 38.06 -10.30
C ASN D 23 12.37 37.99 -9.51
N ASN D 24 11.83 36.78 -9.39
CA ASN D 24 10.54 36.62 -8.74
C ASN D 24 10.61 37.10 -7.30
N TYR D 25 9.55 37.75 -6.84
CA TYR D 25 9.55 38.37 -5.52
C TYR D 25 9.82 37.35 -4.43
N TYR D 26 9.15 36.20 -4.50
CA TYR D 26 9.34 35.15 -3.51
C TYR D 26 10.51 34.27 -3.88
N MET D 27 11.22 33.78 -2.87
CA MET D 27 12.36 32.92 -3.10
C MET D 27 11.92 31.66 -3.85
N GLN D 28 12.89 31.02 -4.51
CA GLN D 28 12.59 29.80 -5.24
C GLN D 28 11.96 28.75 -4.34
N GLN D 29 12.41 28.67 -3.09
CA GLN D 29 11.94 27.64 -2.18
C GLN D 29 10.45 27.76 -1.90
N TYR D 30 9.92 28.98 -1.93
CA TYR D 30 8.49 29.17 -1.72
C TYR D 30 7.72 29.28 -3.02
N GLN D 31 8.39 29.61 -4.11
CA GLN D 31 7.70 29.70 -5.39
C GLN D 31 7.43 28.31 -5.96
N ASN D 32 8.41 27.43 -5.88
CA ASN D 32 8.27 26.07 -6.37
C ASN D 32 8.73 25.09 -5.30
N SER D 33 8.67 23.81 -5.63
CA SER D 33 9.19 22.77 -4.77
C SER D 33 10.64 22.53 -5.16
N MET D 34 11.57 22.96 -4.32
CA MET D 34 12.99 22.72 -4.59
C MET D 34 13.21 21.24 -4.86
N ASP D 35 14.14 20.95 -5.76
CA ASP D 35 14.31 19.61 -6.30
C ASP D 35 15.65 19.04 -5.86
N THR D 36 15.69 17.73 -5.63
CA THR D 36 16.90 17.02 -5.25
C THR D 36 17.31 16.07 -6.36
N GLN D 37 18.55 15.59 -6.26
CA GLN D 37 19.13 14.71 -7.25
C GLN D 37 19.69 13.48 -6.54
N LEU D 38 20.21 12.54 -7.32
CA LEU D 38 20.83 11.33 -6.80
C LEU D 38 22.25 11.23 -7.36
N GLY D 39 23.24 11.38 -6.49
CA GLY D 39 24.63 11.29 -6.90
C GLY D 39 25.02 9.93 -7.43
N ASN D 65 20.06 14.43 -20.58
CA ASN D 65 18.87 13.57 -20.59
C ASN D 65 18.01 13.84 -21.83
N ASP D 66 16.70 13.92 -21.63
CA ASP D 66 15.73 14.11 -22.70
C ASP D 66 15.87 13.01 -23.75
N TRP D 67 15.53 11.78 -23.31
CA TRP D 67 15.77 10.60 -24.12
C TRP D 67 15.15 10.71 -25.50
N PHE D 68 14.00 11.36 -25.62
CA PHE D 68 13.38 11.40 -26.95
C PHE D 68 14.05 12.42 -27.85
N SER D 69 14.63 13.48 -27.29
CA SER D 69 15.48 14.33 -28.10
C SER D 69 16.71 13.57 -28.55
N LYS D 70 17.32 12.78 -27.65
CA LYS D 70 18.46 11.96 -28.06
C LYS D 70 18.09 11.01 -29.19
N LEU D 71 16.93 10.37 -29.06
CA LEU D 71 16.47 9.44 -30.09
C LEU D 71 16.25 10.16 -31.41
N ALA D 72 15.36 11.15 -31.43
CA ALA D 72 15.07 11.89 -32.65
C ALA D 72 16.32 12.49 -33.27
N SER D 73 17.33 12.82 -32.47
CA SER D 73 18.57 13.33 -33.03
C SER D 73 19.38 12.22 -33.67
N SER D 74 19.39 11.03 -33.06
CA SER D 74 20.10 9.89 -33.65
C SER D 74 19.19 9.27 -34.70
N ALA D 75 18.87 10.04 -35.73
CA ALA D 75 17.94 9.60 -36.76
C ALA D 75 18.71 9.44 -38.06
N PHE D 76 18.63 8.26 -38.65
CA PHE D 76 19.36 7.98 -39.88
C PHE D 76 18.83 8.84 -41.02
N THR D 77 19.63 9.81 -41.43
CA THR D 77 19.28 10.72 -42.52
C THR D 77 20.06 10.36 -43.77
N GLY D 78 19.41 10.50 -44.92
CA GLY D 78 20.10 10.27 -46.17
C GLY D 78 19.90 8.86 -46.71
N LEU D 79 20.56 8.62 -47.84
CA LEU D 79 20.34 7.41 -48.61
C LEU D 79 21.00 6.22 -47.94
N PHE D 80 20.76 5.04 -48.51
CA PHE D 80 21.35 3.79 -48.04
C PHE D 80 22.22 3.13 -49.10
N GLY D 81 22.17 3.60 -50.35
CA GLY D 81 23.04 3.09 -51.39
C GLY D 81 23.55 4.24 -52.25
N ALA D 82 24.17 3.85 -53.37
CA ALA D 82 24.74 4.85 -54.28
C ALA D 82 23.66 5.77 -54.81
N LEU D 83 24.02 7.02 -55.06
CA LEU D 83 23.09 8.02 -55.56
C LEU D 83 23.47 8.41 -56.98
N LEU D 84 22.47 8.85 -57.73
CA LEU D 84 22.67 9.26 -59.11
C LEU D 84 21.80 10.47 -59.46
N GLN E 1 -20.76 -9.67 4.68
CA GLN E 1 -20.94 -9.79 6.12
C GLN E 1 -20.24 -11.03 6.65
N VAL E 2 -19.82 -10.96 7.92
CA VAL E 2 -19.12 -12.08 8.53
C VAL E 2 -20.10 -13.21 8.82
N GLN E 3 -19.75 -14.41 8.37
CA GLN E 3 -20.59 -15.59 8.59
C GLN E 3 -19.71 -16.80 8.83
N LEU E 4 -20.03 -17.55 9.88
CA LEU E 4 -19.35 -18.80 10.19
C LEU E 4 -20.39 -19.91 10.20
N ARG E 5 -20.04 -21.05 9.62
CA ARG E 5 -20.94 -22.18 9.54
C ARG E 5 -20.19 -23.46 9.88
N GLU E 6 -20.82 -24.32 10.69
CA GLU E 6 -20.21 -25.56 11.16
C GLU E 6 -20.90 -26.74 10.50
N SER E 7 -20.12 -27.69 10.00
CA SER E 7 -20.64 -28.86 9.32
C SER E 7 -19.99 -30.10 9.92
N GLY E 8 -20.80 -31.01 10.44
CA GLY E 8 -20.30 -32.22 11.05
C GLY E 8 -21.41 -33.12 11.54
N PRO E 9 -21.04 -34.30 12.04
CA PRO E 9 -22.05 -35.26 12.51
C PRO E 9 -22.63 -34.82 13.85
N SER E 10 -23.95 -35.01 14.00
CA SER E 10 -24.59 -34.68 15.26
C SER E 10 -24.50 -35.84 16.24
N LEU E 11 -24.63 -37.07 15.76
CA LEU E 11 -24.49 -38.26 16.58
C LEU E 11 -23.32 -39.08 16.06
N VAL E 12 -22.41 -39.44 16.96
CA VAL E 12 -21.25 -40.26 16.62
C VAL E 12 -21.15 -41.40 17.62
N LYS E 13 -20.77 -42.57 17.12
CA LYS E 13 -20.57 -43.70 17.99
C LYS E 13 -19.33 -43.48 18.85
N PRO E 14 -19.38 -43.81 20.14
CA PRO E 14 -18.21 -43.59 21.00
C PRO E 14 -17.00 -44.38 20.53
N SER E 15 -15.84 -44.01 21.09
CA SER E 15 -14.56 -44.62 20.75
C SER E 15 -14.22 -44.45 19.27
N GLN E 16 -14.57 -43.29 18.72
CA GLN E 16 -14.23 -42.94 17.35
C GLN E 16 -13.82 -41.49 17.28
N THR E 17 -13.09 -41.15 16.22
CA THR E 17 -12.63 -39.78 16.04
C THR E 17 -13.73 -38.93 15.39
N LEU E 18 -14.04 -37.80 16.03
CA LEU E 18 -15.01 -36.85 15.49
C LEU E 18 -14.28 -35.81 14.67
N SER E 19 -14.72 -35.64 13.43
CA SER E 19 -14.16 -34.64 12.53
C SER E 19 -15.21 -33.57 12.27
N LEU E 20 -14.83 -32.31 12.43
CA LEU E 20 -15.70 -31.18 12.16
C LEU E 20 -15.05 -30.28 11.14
N THR E 21 -15.86 -29.47 10.46
CA THR E 21 -15.37 -28.52 9.47
C THR E 21 -16.13 -27.22 9.62
N CYS E 22 -15.41 -26.11 9.70
CA CYS E 22 -15.98 -24.78 9.81
C CYS E 22 -15.87 -24.08 8.46
N THR E 23 -17.02 -23.82 7.84
CA THR E 23 -17.05 -23.15 6.55
C THR E 23 -17.20 -21.65 6.77
N VAL E 24 -16.19 -20.90 6.36
CA VAL E 24 -16.08 -19.48 6.64
C VAL E 24 -16.44 -18.70 5.39
N SER E 25 -17.17 -17.60 5.56
CA SER E 25 -17.48 -16.68 4.48
C SER E 25 -17.59 -15.28 5.04
N GLY E 26 -17.22 -14.30 4.22
CA GLY E 26 -17.26 -12.91 4.61
C GLY E 26 -15.93 -12.32 5.02
N PHE E 27 -14.98 -13.14 5.45
CA PHE E 27 -13.64 -12.65 5.76
C PHE E 27 -12.62 -13.69 5.33
N SER E 28 -11.47 -13.22 4.90
CA SER E 28 -10.42 -14.12 4.45
C SER E 28 -9.90 -14.92 5.64
N LEU E 29 -9.87 -16.24 5.48
CA LEU E 29 -9.57 -17.11 6.61
C LEU E 29 -8.10 -17.02 6.99
N SER E 30 -7.31 -16.29 6.22
CA SER E 30 -5.88 -16.17 6.52
C SER E 30 -5.59 -14.90 7.31
N ARG E 31 -6.58 -14.04 7.54
CA ARG E 31 -6.22 -12.80 8.26
C ARG E 31 -6.77 -12.81 9.68
N TYR E 32 -7.54 -13.84 10.06
CA TYR E 32 -8.17 -13.85 11.36
C TYR E 32 -8.04 -15.23 11.99
N GLN E 33 -7.72 -15.26 13.28
CA GLN E 33 -7.59 -16.51 13.99
C GLN E 33 -8.96 -17.11 14.28
N VAL E 34 -9.10 -18.41 14.03
CA VAL E 34 -10.34 -19.13 14.27
C VAL E 34 -10.14 -20.01 15.48
N SER E 35 -11.12 -20.01 16.38
CA SER E 35 -11.04 -20.79 17.61
C SER E 35 -12.26 -21.68 17.73
N TRP E 36 -12.04 -22.93 18.12
CA TRP E 36 -13.12 -23.87 18.31
C TRP E 36 -13.47 -23.93 19.80
N VAL E 37 -14.70 -23.58 20.12
CA VAL E 37 -15.19 -23.57 21.49
C VAL E 37 -16.29 -24.60 21.59
N ARG E 38 -16.21 -25.47 22.58
CA ARG E 38 -17.25 -26.46 22.84
C ARG E 38 -17.88 -26.15 24.19
N GLN E 39 -19.19 -26.32 24.28
CA GLN E 39 -19.94 -26.09 25.50
C GLN E 39 -20.62 -27.39 25.86
N ALA E 40 -20.71 -27.69 27.16
CA ALA E 40 -21.40 -28.87 27.61
C ALA E 40 -22.86 -28.53 27.92
N PRO E 41 -23.77 -29.50 27.81
CA PRO E 41 -25.21 -29.18 27.88
C PRO E 41 -25.56 -28.52 29.21
N GLY E 42 -26.08 -27.30 29.12
CA GLY E 42 -26.40 -26.55 30.32
C GLY E 42 -25.20 -26.31 31.21
N LYS E 43 -24.02 -26.26 30.62
CA LYS E 43 -22.78 -26.16 31.37
C LYS E 43 -21.95 -25.01 30.80
N ALA E 44 -20.99 -24.55 31.59
CA ALA E 44 -20.13 -23.47 31.16
C ALA E 44 -19.33 -23.88 29.93
N LEU E 45 -19.00 -22.88 29.12
CA LEU E 45 -18.21 -23.14 27.91
C LEU E 45 -16.84 -23.69 28.28
N GLU E 46 -16.20 -24.33 27.32
CA GLU E 46 -14.83 -24.81 27.48
C GLU E 46 -14.09 -24.64 26.15
N CYS E 47 -13.13 -23.72 26.14
CA CYS E 47 -12.35 -23.49 24.93
C CYS E 47 -11.59 -24.74 24.55
N LEU E 48 -11.66 -25.12 23.28
CA LEU E 48 -11.24 -26.44 22.84
C LEU E 48 -9.96 -26.39 22.02
N SER E 49 -9.91 -25.53 21.01
CA SER E 49 -8.72 -25.41 20.17
C SER E 49 -8.84 -24.16 19.32
N SER E 50 -7.75 -23.83 18.64
CA SER E 50 -7.73 -22.67 17.75
C SER E 50 -6.59 -22.79 16.76
N ILE E 51 -6.70 -22.07 15.65
CA ILE E 51 -5.64 -21.96 14.67
C ILE E 51 -5.50 -20.49 14.29
N SER E 52 -4.27 -20.01 14.26
CA SER E 52 -4.00 -18.61 13.96
C SER E 52 -3.95 -18.45 12.44
N ALA E 53 -3.67 -17.24 11.98
CA ALA E 53 -3.52 -17.04 10.55
C ALA E 53 -2.58 -18.03 9.88
N GLY E 54 -1.30 -17.99 10.23
CA GLY E 54 -0.32 -18.84 9.60
C GLY E 54 -0.37 -20.30 10.02
N GLY E 55 -1.43 -20.67 10.73
CA GLY E 55 -1.64 -22.09 11.11
C GLY E 55 -0.83 -22.51 12.33
N SER E 56 -0.96 -21.79 13.44
CA SER E 56 -0.26 -22.17 14.69
C SER E 56 -0.82 -23.50 15.20
N THR E 57 -2.13 -23.72 15.04
CA THR E 57 -2.82 -24.97 15.44
C THR E 57 -2.63 -25.27 16.93
N GLY E 58 -2.76 -24.26 17.79
CA GLY E 58 -2.64 -24.48 19.25
C GLY E 58 -3.81 -25.29 19.77
N TYR E 59 -3.58 -26.09 20.82
CA TYR E 59 -4.65 -26.96 21.39
C TYR E 59 -4.79 -26.71 22.89
N ASN E 60 -6.01 -26.86 23.41
CA ASN E 60 -6.26 -26.67 24.86
C ASN E 60 -5.41 -27.70 25.62
N PRO E 61 -4.72 -27.33 26.72
CA PRO E 61 -3.84 -28.26 27.43
C PRO E 61 -4.53 -29.50 28.04
N ALA E 62 -5.72 -29.32 28.61
CA ALA E 62 -6.44 -30.44 29.27
C ALA E 62 -6.76 -31.55 28.26
N LEU E 63 -7.22 -31.18 27.06
CA LEU E 63 -7.60 -32.18 26.02
C LEU E 63 -6.52 -32.24 24.93
N LYS E 64 -5.34 -31.67 25.17
CA LYS E 64 -4.27 -31.67 24.14
C LYS E 64 -3.88 -33.11 23.79
N SER E 65 -3.70 -33.36 22.48
CA SER E 65 -3.32 -34.62 21.78
C SER E 65 -4.54 -35.53 21.54
N ARG E 66 -5.72 -35.11 22.02
CA ARG E 66 -6.95 -35.90 21.79
C ARG E 66 -7.65 -35.38 20.53
N LEU E 67 -7.18 -34.25 20.00
CA LEU E 67 -7.78 -33.66 18.77
C LEU E 67 -6.71 -32.95 17.92
N SER E 68 -6.96 -32.84 16.61
CA SER E 68 -6.04 -32.18 15.66
C SER E 68 -6.84 -31.18 14.81
N ILE E 69 -6.34 -29.95 14.64
CA ILE E 69 -7.08 -28.93 13.84
C ILE E 69 -6.23 -28.53 12.62
N THR E 70 -6.81 -28.62 11.42
CA THR E 70 -6.13 -28.24 10.15
C THR E 70 -6.99 -27.20 9.43
N LYS E 71 -6.40 -26.08 9.01
CA LYS E 71 -7.18 -25.01 8.33
C LYS E 71 -6.60 -24.75 6.93
N ASP E 72 -7.45 -24.71 5.90
CA ASP E 72 -7.00 -24.43 4.52
C ASP E 72 -7.52 -23.05 4.09
N ASN E 73 -6.60 -22.13 3.80
CA ASN E 73 -6.94 -20.74 3.40
C ASN E 73 -7.68 -20.70 2.06
N SER E 74 -7.23 -21.49 1.08
CA SER E 74 -7.82 -21.49 -0.28
C SER E 74 -9.29 -21.91 -0.29
N LYS E 75 -9.64 -22.96 0.47
CA LYS E 75 -11.04 -23.46 0.47
C LYS E 75 -11.89 -22.70 1.50
N ASN E 76 -11.28 -21.81 2.29
CA ASN E 76 -11.98 -21.03 3.34
C ASN E 76 -12.66 -21.97 4.34
N GLU E 77 -11.98 -23.06 4.72
CA GLU E 77 -12.57 -24.05 5.66
C GLU E 77 -11.57 -24.35 6.78
N VAL E 78 -12.03 -24.32 8.04
CA VAL E 78 -11.17 -24.68 9.21
C VAL E 78 -11.68 -26.02 9.70
N SER E 79 -10.82 -27.05 9.74
CA SER E 79 -11.29 -28.40 10.14
C SER E 79 -10.72 -28.82 11.49
N LEU E 80 -11.60 -29.21 12.41
CA LEU E 80 -11.20 -29.69 13.76
C LEU E 80 -11.67 -31.14 13.88
N SER E 81 -10.75 -32.07 14.17
CA SER E 81 -11.10 -33.51 14.31
C SER E 81 -10.78 -33.95 15.74
N VAL E 82 -11.76 -34.53 16.45
CA VAL E 82 -11.52 -34.98 17.85
C VAL E 82 -11.50 -36.51 17.89
N SER E 83 -10.38 -37.09 18.35
CA SER E 83 -10.23 -38.56 18.46
C SER E 83 -10.76 -39.05 19.81
N THR E 84 -11.07 -40.35 19.91
CA THR E 84 -11.56 -40.95 21.18
C THR E 84 -12.78 -40.19 21.71
N VAL E 85 -13.75 -39.90 20.85
CA VAL E 85 -14.99 -39.17 21.29
C VAL E 85 -15.69 -40.06 22.34
N THR E 86 -16.19 -39.46 23.42
CA THR E 86 -16.84 -40.23 24.51
C THR E 86 -18.21 -39.60 24.83
N PRO E 87 -19.15 -40.35 25.45
CA PRO E 87 -20.48 -39.83 25.79
C PRO E 87 -20.40 -38.65 26.77
N GLU E 88 -19.44 -38.70 27.70
CA GLU E 88 -19.28 -37.65 28.73
C GLU E 88 -19.03 -36.30 28.04
N ASP E 89 -18.19 -36.28 27.01
CA ASP E 89 -17.90 -35.00 26.31
C ASP E 89 -18.95 -34.74 25.21
N THR E 90 -20.20 -34.50 25.60
CA THR E 90 -21.25 -34.20 24.60
C THR E 90 -21.79 -32.78 24.85
N ALA E 91 -21.56 -31.88 23.89
CA ALA E 91 -22.03 -30.47 24.01
C ALA E 91 -22.00 -29.82 22.63
N THR E 92 -22.64 -28.64 22.49
CA THR E 92 -22.63 -27.91 21.21
C THR E 92 -21.21 -27.41 20.93
N TYR E 93 -20.76 -27.48 19.66
CA TYR E 93 -19.42 -27.02 19.27
C TYR E 93 -19.54 -25.70 18.51
N TYR E 94 -18.82 -24.67 18.95
CA TYR E 94 -18.88 -23.33 18.30
C TYR E 94 -17.53 -22.99 17.68
N CYS E 95 -17.54 -22.57 16.41
CA CYS E 95 -16.31 -22.14 15.69
C CYS E 95 -16.37 -20.62 15.55
N ALA E 96 -15.39 -19.90 16.08
CA ALA E 96 -15.43 -18.41 16.05
C ALA E 96 -14.12 -17.85 15.48
N LYS E 97 -14.18 -16.62 14.98
CA LYS E 97 -12.99 -15.95 14.38
C LYS E 97 -12.50 -14.83 15.29
N TYR E 98 -11.23 -14.94 15.75
CA TYR E 98 -10.62 -13.92 16.63
C TYR E 98 -10.24 -12.71 15.78
N THR E 99 -10.44 -11.50 16.30
CA THR E 99 -10.11 -10.27 15.53
C THR E 99 -8.62 -10.25 15.21
N ASP E 100 -7.79 -10.63 16.19
CA ASP E 100 -6.31 -10.64 16.05
C ASP E 100 -5.87 -11.94 15.36
N ASN E 101 -4.60 -12.02 14.95
CA ASN E 101 -4.07 -13.24 14.30
C ASN E 101 -3.00 -13.82 15.23
N TYR E 102 -3.17 -15.08 15.65
CA TYR E 102 -2.23 -15.75 16.60
C TYR E 102 -2.14 -14.92 17.89
N ASP E 103 -3.31 -14.47 18.39
CA ASP E 103 -3.38 -13.65 19.62
C ASP E 103 -2.87 -14.44 20.83
N SER E 104 -3.29 -15.70 20.97
CA SER E 104 -2.83 -16.53 22.11
C SER E 104 -2.33 -17.90 21.61
N VAL E 105 -3.19 -18.62 20.90
CA VAL E 105 -2.92 -19.97 20.30
C VAL E 105 -2.92 -21.11 21.35
N ASN E 106 -2.12 -21.03 22.43
CA ASN E 106 -2.12 -22.08 23.47
C ASN E 106 -3.52 -22.12 24.09
N ALA E 107 -4.05 -20.93 24.38
CA ALA E 107 -5.43 -20.73 24.86
C ALA E 107 -6.16 -20.26 23.61
N CYS E 108 -7.34 -20.81 23.31
CA CYS E 108 -7.96 -20.42 22.02
C CYS E 108 -8.68 -19.06 22.13
N GLY E 109 -7.88 -17.99 22.02
CA GLY E 109 -8.35 -16.59 22.03
C GLY E 109 -8.54 -16.00 23.42
N PHE E 110 -8.75 -14.68 23.46
CA PHE E 110 -9.04 -13.87 24.67
C PHE E 110 -8.01 -14.06 25.80
N TYR E 111 -6.72 -14.15 25.45
CA TYR E 111 -5.68 -14.22 26.52
C TYR E 111 -5.13 -12.81 26.77
N SER E 112 -5.08 -12.01 25.70
CA SER E 112 -4.54 -10.62 25.77
C SER E 112 -5.58 -9.69 26.38
N GLY E 113 -6.82 -9.77 25.93
CA GLY E 113 -7.90 -8.89 26.43
C GLY E 113 -8.07 -7.65 25.55
N ASN E 114 -7.36 -7.60 24.42
CA ASN E 114 -7.45 -6.46 23.48
C ASN E 114 -8.35 -6.88 22.30
N TYR E 115 -8.14 -8.09 21.77
CA TYR E 115 -8.95 -8.62 20.65
C TYR E 115 -9.98 -9.61 21.22
N TYR E 116 -11.21 -9.58 20.70
CA TYR E 116 -12.30 -10.47 21.17
C TYR E 116 -12.94 -11.19 19.99
N PHE E 117 -13.57 -12.34 20.23
CA PHE E 117 -14.25 -13.11 19.17
C PHE E 117 -15.31 -12.22 18.52
N ASP E 118 -15.27 -12.07 17.19
CA ASP E 118 -16.24 -11.18 16.49
C ASP E 118 -17.52 -11.95 16.12
N ALA E 119 -17.38 -13.12 15.49
CA ALA E 119 -18.57 -13.91 15.10
C ALA E 119 -18.45 -15.34 15.65
N TRP E 120 -19.47 -15.80 16.38
CA TRP E 120 -19.45 -17.17 16.97
C TRP E 120 -20.07 -18.22 16.03
N GLY E 121 -20.81 -17.79 15.01
CA GLY E 121 -21.42 -18.72 14.03
C GLY E 121 -22.73 -19.34 14.53
N GLN E 122 -23.38 -20.14 13.68
CA GLN E 122 -24.65 -20.82 14.04
C GLN E 122 -24.40 -21.84 15.16
N GLY E 123 -23.31 -22.60 15.04
CA GLY E 123 -22.95 -23.66 16.01
C GLY E 123 -23.49 -25.00 15.58
N LEU E 124 -22.88 -26.10 16.07
CA LEU E 124 -23.32 -27.47 15.70
C LEU E 124 -23.11 -28.40 16.90
N LEU E 125 -23.99 -29.40 17.09
CA LEU E 125 -23.86 -30.35 18.22
C LEU E 125 -23.00 -31.54 17.78
N LEU F 6 -15.24 -20.55 36.85
CA LEU F 6 -15.26 -19.53 37.89
C LEU F 6 -16.51 -19.68 38.75
N THR F 7 -16.74 -18.70 39.62
CA THR F 7 -17.91 -18.73 40.54
C THR F 7 -18.73 -17.43 40.42
N GLN F 8 -19.95 -17.53 39.90
CA GLN F 8 -20.85 -16.37 39.73
C GLN F 8 -22.28 -16.77 40.12
N PRO F 9 -23.20 -15.83 40.39
CA PRO F 9 -24.57 -16.17 40.78
C PRO F 9 -25.25 -16.93 39.63
N SER F 10 -26.06 -17.94 39.97
CA SER F 10 -26.74 -18.76 38.93
C SER F 10 -27.68 -17.89 38.12
N SER F 11 -28.44 -17.00 38.78
CA SER F 11 -29.37 -16.11 38.04
C SER F 11 -29.50 -14.75 38.74
N VAL F 12 -29.81 -13.71 37.96
CA VAL F 12 -30.03 -12.32 38.49
C VAL F 12 -31.30 -11.79 37.84
N SER F 13 -32.18 -11.13 38.60
CA SER F 13 -33.44 -10.60 38.02
C SER F 13 -33.46 -9.07 38.08
N GLY F 14 -33.61 -8.43 36.92
CA GLY F 14 -33.68 -6.96 36.82
C GLY F 14 -34.88 -6.52 36.00
N SER F 15 -35.68 -5.58 36.52
CA SER F 15 -36.88 -5.08 35.79
C SER F 15 -36.46 -4.17 34.62
N LEU F 16 -37.32 -4.04 33.61
CA LEU F 16 -37.01 -3.20 32.42
C LEU F 16 -36.81 -1.75 32.89
N GLY F 17 -35.76 -1.10 32.39
CA GLY F 17 -35.44 0.30 32.76
C GLY F 17 -34.66 0.40 34.07
N GLN F 18 -34.28 -0.74 34.65
CA GLN F 18 -33.53 -0.78 35.93
C GLN F 18 -32.15 -1.40 35.69
N ARG F 19 -31.09 -0.75 36.18
CA ARG F 19 -29.71 -1.26 36.01
C ARG F 19 -29.56 -2.60 36.73
N VAL F 20 -28.93 -3.59 36.08
CA VAL F 20 -28.71 -4.95 36.67
C VAL F 20 -27.20 -5.21 36.68
N SER F 21 -26.65 -5.67 37.81
CA SER F 21 -25.20 -5.95 37.91
C SER F 21 -24.94 -7.43 38.16
N ILE F 22 -24.07 -8.03 37.34
CA ILE F 22 -23.69 -9.47 37.49
C ILE F 22 -22.22 -9.50 37.91
N THR F 23 -21.89 -10.21 38.99
CA THR F 23 -20.49 -10.23 39.48
C THR F 23 -19.83 -11.59 39.21
N CYS F 24 -18.66 -11.55 38.55
CA CYS F 24 -17.88 -12.78 38.25
C CYS F 24 -16.64 -12.77 39.13
N SER F 25 -16.47 -13.79 39.98
CA SER F 25 -15.31 -13.86 40.91
C SER F 25 -14.54 -15.17 40.71
N GLY F 26 -13.21 -15.07 40.58
CA GLY F 26 -12.38 -16.26 40.39
C GLY F 26 -11.28 -16.37 41.44
N SER F 27 -10.03 -16.37 40.99
CA SER F 27 -8.82 -16.48 41.86
C SER F 27 -7.77 -15.48 41.37
N SER F 28 -6.74 -15.22 42.19
CA SER F 28 -5.69 -14.26 41.79
C SER F 28 -5.01 -14.77 40.51
N SER F 29 -4.71 -16.07 40.44
CA SER F 29 -4.06 -16.63 39.23
C SER F 29 -4.98 -16.53 38.00
N ASN F 30 -6.26 -16.90 38.14
CA ASN F 30 -7.20 -16.85 36.98
C ASN F 30 -7.45 -15.40 36.53
N VAL F 31 -7.62 -14.47 37.48
CA VAL F 31 -7.82 -13.04 37.11
C VAL F 31 -6.85 -12.17 37.91
N GLY F 32 -5.81 -11.64 37.24
CA GLY F 32 -4.84 -10.75 37.91
C GLY F 32 -5.36 -9.34 37.96
N ARG F 33 -4.79 -8.50 38.83
CA ARG F 33 -5.22 -7.07 38.89
C ARG F 33 -4.89 -6.43 37.53
N GLY F 34 -3.69 -6.72 37.01
CA GLY F 34 -3.23 -6.27 35.69
C GLY F 34 -4.06 -6.88 34.57
N ASN F 35 -4.43 -8.16 34.73
CA ASN F 35 -5.19 -8.94 33.72
C ASN F 35 -6.66 -8.49 33.65
N TYR F 36 -7.34 -8.84 32.55
CA TYR F 36 -8.76 -8.44 32.33
C TYR F 36 -9.58 -9.66 31.88
N VAL F 37 -10.92 -9.57 31.97
CA VAL F 37 -11.81 -10.71 31.62
C VAL F 37 -12.73 -10.32 30.45
N ASN F 38 -13.29 -11.32 29.76
CA ASN F 38 -14.20 -11.10 28.60
C ASN F 38 -15.62 -11.53 28.99
N TRP F 39 -16.62 -10.69 28.69
CA TRP F 39 -18.03 -10.99 29.03
C TRP F 39 -18.78 -11.45 27.76
N PHE F 40 -19.40 -12.64 27.83
CA PHE F 40 -20.14 -13.20 26.67
C PHE F 40 -21.62 -13.35 27.03
N GLN F 41 -22.50 -12.85 26.16
CA GLN F 41 -23.97 -12.98 26.36
C GLN F 41 -24.50 -13.98 25.33
N GLN F 42 -25.13 -15.07 25.78
CA GLN F 42 -25.63 -16.08 24.81
C GLN F 42 -27.14 -16.26 24.97
N ILE F 43 -27.90 -16.03 23.89
CA ILE F 43 -29.37 -16.26 23.90
C ILE F 43 -29.58 -17.78 23.85
N PRO F 44 -30.56 -18.36 24.55
CA PRO F 44 -30.75 -19.81 24.51
C PRO F 44 -31.08 -20.26 23.07
N GLY F 45 -30.44 -21.35 22.62
CA GLY F 45 -30.67 -21.89 21.27
C GLY F 45 -29.86 -21.16 20.21
N SER F 46 -28.94 -20.27 20.63
CA SER F 46 -28.10 -19.50 19.68
C SER F 46 -26.64 -19.47 20.15
N ALA F 47 -25.72 -19.15 19.23
CA ALA F 47 -24.27 -19.09 19.55
C ALA F 47 -23.97 -17.92 20.49
N PRO F 48 -22.93 -18.01 21.35
CA PRO F 48 -22.60 -16.94 22.28
C PRO F 48 -22.15 -15.67 21.56
N ARG F 49 -22.49 -14.51 22.15
CA ARG F 49 -22.12 -13.18 21.59
C ARG F 49 -21.22 -12.47 22.60
N THR F 50 -20.10 -11.88 22.14
CA THR F 50 -19.18 -11.19 23.07
C THR F 50 -19.65 -9.75 23.29
N LEU F 51 -19.98 -9.40 24.53
CA LEU F 51 -20.45 -8.03 24.87
C LEU F 51 -19.27 -7.16 25.34
N ILE F 52 -18.43 -7.71 26.22
CA ILE F 52 -17.27 -6.92 26.74
C ILE F 52 -15.96 -7.67 26.47
N TYR F 53 -15.00 -6.99 25.83
CA TYR F 53 -13.66 -7.56 25.56
C TYR F 53 -12.62 -6.64 26.20
N GLY F 54 -11.72 -7.19 27.00
CA GLY F 54 -10.69 -6.38 27.70
C GLY F 54 -11.18 -5.88 29.05
N ALA F 55 -12.43 -6.19 29.40
CA ALA F 55 -13.13 -5.94 30.69
C ALA F 55 -13.57 -4.48 30.86
N THR F 56 -13.29 -3.59 29.90
CA THR F 56 -13.72 -2.17 30.05
C THR F 56 -14.20 -1.62 28.71
N SER F 57 -14.35 -2.47 27.68
CA SER F 57 -14.76 -1.97 26.35
C SER F 57 -15.86 -2.85 25.75
N ARG F 58 -16.58 -2.30 24.77
CA ARG F 58 -17.69 -3.00 24.07
C ARG F 58 -17.28 -3.29 22.64
N ALA F 59 -17.53 -4.50 22.15
CA ALA F 59 -17.20 -4.89 20.77
C ALA F 59 -18.12 -4.18 19.76
N SER F 60 -17.68 -4.04 18.51
CA SER F 60 -18.48 -3.33 17.49
C SER F 60 -19.82 -4.05 17.31
N GLY F 61 -20.91 -3.28 17.16
CA GLY F 61 -22.26 -3.84 17.00
C GLY F 61 -22.95 -4.08 18.33
N VAL F 62 -22.33 -3.62 19.44
CA VAL F 62 -22.91 -3.81 20.80
C VAL F 62 -23.33 -2.44 21.34
N PRO F 63 -24.53 -2.31 21.95
CA PRO F 63 -25.01 -1.02 22.49
C PRO F 63 -24.15 -0.56 23.68
N ASP F 64 -24.10 0.76 23.88
CA ASP F 64 -23.30 1.43 24.94
C ASP F 64 -23.86 1.22 26.36
N ARG F 65 -25.10 0.74 26.48
CA ARG F 65 -25.72 0.54 27.82
C ARG F 65 -24.88 -0.45 28.63
N PHE F 66 -24.40 -1.53 28.00
CA PHE F 66 -23.59 -2.54 28.73
C PHE F 66 -22.32 -1.90 29.27
N SER F 67 -22.00 -2.16 30.55
CA SER F 67 -20.78 -1.61 31.20
C SER F 67 -20.09 -2.72 32.00
N GLY F 68 -18.75 -2.80 31.92
CA GLY F 68 -18.01 -3.81 32.68
C GLY F 68 -17.00 -3.18 33.63
N SER F 69 -17.06 -3.55 34.92
CA SER F 69 -16.10 -3.02 35.92
C SER F 69 -15.48 -4.19 36.71
N ARG F 70 -14.14 -4.27 36.77
CA ARG F 70 -13.50 -5.38 37.51
C ARG F 70 -12.58 -4.82 38.59
N SER F 71 -12.77 -5.27 39.84
CA SER F 71 -11.92 -4.84 40.98
C SER F 71 -11.29 -6.06 41.64
N GLY F 72 -9.96 -6.09 41.78
CA GLY F 72 -9.30 -7.25 42.39
C GLY F 72 -9.58 -8.52 41.59
N ASN F 73 -10.06 -9.57 42.26
CA ASN F 73 -10.36 -10.87 41.60
C ASN F 73 -11.82 -10.90 41.11
N THR F 74 -12.57 -9.81 41.31
CA THR F 74 -13.99 -9.79 40.91
C THR F 74 -14.21 -8.91 39.68
N ALA F 75 -14.85 -9.47 38.65
CA ALA F 75 -15.18 -8.73 37.42
C ALA F 75 -16.71 -8.60 37.37
N THR F 76 -17.22 -7.36 37.24
CA THR F 76 -18.69 -7.16 37.27
C THR F 76 -19.21 -6.55 35.95
N LEU F 77 -20.26 -7.16 35.40
CA LEU F 77 -20.89 -6.62 34.16
C LEU F 77 -22.22 -6.00 34.57
N THR F 78 -22.40 -4.71 34.28
CA THR F 78 -23.66 -4.01 34.67
C THR F 78 -24.40 -3.56 33.41
N ILE F 79 -25.68 -3.90 33.32
CA ILE F 79 -26.51 -3.50 32.13
C ILE F 79 -27.52 -2.45 32.58
N SER F 80 -27.54 -1.30 31.90
CA SER F 80 -28.50 -0.20 32.21
C SER F 80 -29.57 -0.15 31.12
N SER F 81 -30.74 0.43 31.42
CA SER F 81 -31.83 0.51 30.41
C SER F 81 -32.12 -0.89 29.86
N LEU F 82 -32.38 -1.86 30.75
CA LEU F 82 -32.63 -3.27 30.37
C LEU F 82 -33.79 -3.35 29.38
N GLN F 83 -33.66 -4.23 28.37
CA GLN F 83 -34.65 -4.43 27.29
C GLN F 83 -35.03 -5.90 27.20
N ALA F 84 -36.09 -6.22 26.44
CA ALA F 84 -36.58 -7.61 26.29
C ALA F 84 -35.49 -8.49 25.69
N GLU F 85 -34.72 -7.98 24.72
CA GLU F 85 -33.62 -8.72 24.05
C GLU F 85 -32.47 -9.03 25.03
N ASP F 86 -32.30 -8.22 26.07
CA ASP F 86 -31.22 -8.38 27.08
C ASP F 86 -31.32 -9.74 27.79
N GLU F 87 -32.54 -10.25 28.03
CA GLU F 87 -32.66 -11.57 28.72
C GLU F 87 -31.88 -12.59 27.89
N ALA F 88 -30.89 -13.24 28.53
CA ALA F 88 -29.99 -14.24 27.91
C ALA F 88 -29.11 -14.88 29.00
N ASP F 89 -28.26 -15.82 28.61
CA ASP F 89 -27.30 -16.44 29.57
C ASP F 89 -25.95 -15.74 29.40
N TYR F 90 -25.37 -15.24 30.49
CA TYR F 90 -24.10 -14.47 30.44
C TYR F 90 -22.95 -15.30 31.00
N PHE F 91 -21.86 -15.40 30.23
CA PHE F 91 -20.65 -16.16 30.64
C PHE F 91 -19.44 -15.21 30.69
N CYS F 92 -18.67 -15.26 31.78
CA CYS F 92 -17.44 -14.42 31.88
C CYS F 92 -16.23 -15.33 31.58
N ALA F 93 -15.42 -14.94 30.60
CA ALA F 93 -14.26 -15.76 30.19
C ALA F 93 -12.94 -15.02 30.45
N THR F 94 -12.00 -15.70 31.10
CA THR F 94 -10.66 -15.13 31.43
C THR F 94 -9.61 -16.24 31.27
N TYR F 95 -8.34 -15.87 31.15
CA TYR F 95 -7.27 -16.90 31.01
C TYR F 95 -6.54 -17.07 32.35
N ASP F 96 -6.50 -18.30 32.86
CA ASP F 96 -5.83 -18.59 34.17
C ASP F 96 -4.38 -18.98 33.88
N SER F 97 -3.42 -18.21 34.43
CA SER F 97 -1.98 -18.49 34.21
C SER F 97 -1.61 -19.87 34.78
N SER F 98 -2.07 -20.17 36.00
CA SER F 98 -1.74 -21.48 36.63
C SER F 98 -2.33 -22.62 35.80
N SER F 99 -3.60 -22.49 35.41
CA SER F 99 -4.28 -23.53 34.59
C SER F 99 -3.64 -23.60 33.19
N ASN F 100 -3.28 -22.43 32.66
CA ASN F 100 -2.67 -22.24 31.31
C ASN F 100 -3.68 -22.54 30.20
N THR F 101 -4.97 -22.40 30.50
CA THR F 101 -6.08 -22.64 29.53
C THR F 101 -7.17 -21.62 29.85
N ALA F 102 -7.88 -21.11 28.84
CA ALA F 102 -8.94 -20.11 29.11
C ALA F 102 -9.99 -20.78 30.01
N VAL F 103 -10.44 -20.08 31.06
CA VAL F 103 -11.43 -20.65 32.01
C VAL F 103 -12.73 -19.84 31.89
N PHE F 104 -13.86 -20.54 31.68
CA PHE F 104 -15.17 -19.85 31.54
C PHE F 104 -15.97 -19.99 32.83
N GLY F 105 -16.89 -19.05 33.06
CA GLY F 105 -17.75 -19.04 34.25
C GLY F 105 -18.84 -20.10 34.18
N SER F 106 -19.46 -20.44 35.31
CA SER F 106 -20.53 -21.47 35.35
C SER F 106 -21.69 -21.01 34.46
N GLY F 107 -22.04 -19.72 34.53
CA GLY F 107 -23.12 -19.15 33.71
C GLY F 107 -24.15 -18.43 34.56
N THR F 108 -24.52 -17.22 34.14
CA THR F 108 -25.53 -16.40 34.87
C THR F 108 -26.69 -16.11 33.91
N THR F 109 -27.93 -16.37 34.35
CA THR F 109 -29.11 -16.09 33.49
C THR F 109 -29.81 -14.84 34.01
N LEU F 110 -29.97 -13.82 33.16
CA LEU F 110 -30.62 -12.56 33.56
C LEU F 110 -32.09 -12.63 33.13
N THR F 111 -33.01 -12.43 34.09
CA THR F 111 -34.47 -12.50 33.80
C THR F 111 -35.10 -11.12 34.05
N VAL F 112 -35.90 -10.64 33.09
CA VAL F 112 -36.57 -9.32 33.23
C VAL F 112 -38.03 -9.56 33.66
N LEU F 113 -38.45 -8.90 34.74
CA LEU F 113 -39.83 -9.06 35.29
C LEU F 113 -40.80 -8.13 34.55
#